data_7P9K
#
_entry.id   7P9K
#
_cell.length_a   214.620
_cell.length_b   67.256
_cell.length_c   126.547
_cell.angle_alpha   90.000
_cell.angle_beta   102.049
_cell.angle_gamma   90.000
#
_symmetry.space_group_name_H-M   'C 1 2 1'
#
loop_
_entity.id
_entity.type
_entity.pdbx_description
1 polymer 'DUF262 domain-containing protein'
2 non-polymer 'CHLORIDE ION'
3 non-polymer 'SULFATE ION'
4 non-polymer GLYCEROL
5 water water
#
_entity_poly.entity_id   1
_entity_poly.type   'polypeptide(L)'
_entity_poly.pdbx_seq_one_letter_code
;MYQAGGTIRSLLDKVAEQEYLLPAIQREFVWRPEQICRLFDSLLQGYPFGTFLFWKIKPENRDSYQFYQFMQHYHERDNY
HCENVTQLPEREFIAVLDGQQRITALNIGLRGSFAWKLTGKWWSNDDAFPVRRLHLNLLSKPDLETGSMYDFEFLTDDKA
SLDASEQYWFRVGRIMEEEEDALIDEVADDARLSSEQRKEARSTLRHLYRTIHDKDKISFYEESDQSLERVLNIFIRMNS
GGTTLSYSDLLLSIAVAQWSSLDAREEIHALVDEMNRVGDGFNVSKDLVLKAGLMLSDIGSVGFKVENFNKENMAILEKN
WTPIRDALLLSMQLLASFGFNAQNLRATSAILPLAYYLHHRKLTASYLSRVEYAVDRECIRNWLIRSLLKASGIWGSGLD
TLLTMLRSDIKQSGDTGFPLAKIEATMQQRGKSLRFDPEEISELAQLDYGNPRTFALLTLLFPGFDFSRHFHVDHIYPKG
LFTRNKLAKVGVPAEQLDELIEASNKLPNLQLLEGTINNQKRQKMPHEWYAQQWPDVNARQAHLQSQAITSLPEQLNQFM
DFYRERQETLLARIRTALQPASSVETE
;
_entity_poly.pdbx_strand_id   A,B
#
loop_
_chem_comp.id
_chem_comp.type
_chem_comp.name
_chem_comp.formula
CL non-polymer 'CHLORIDE ION' 'Cl -1'
GOL non-polymer GLYCEROL 'C3 H8 O3'
SO4 non-polymer 'SULFATE ION' 'O4 S -2'
#
# COMPACT_ATOMS: atom_id res chain seq x y z
N MET A 1 -25.97 3.24 11.53
CA MET A 1 -26.31 3.56 12.92
C MET A 1 -25.04 3.97 13.69
N TYR A 2 -25.06 5.18 14.24
CA TYR A 2 -23.92 5.75 14.93
C TYR A 2 -23.99 5.47 16.42
N GLN A 3 -22.86 5.69 17.09
CA GLN A 3 -22.80 5.52 18.54
C GLN A 3 -21.52 6.26 18.97
N ALA A 4 -21.70 7.46 19.53
CA ALA A 4 -20.54 8.26 19.92
C ALA A 4 -20.07 8.01 21.35
N GLY A 5 -20.87 7.31 22.15
CA GLY A 5 -20.53 7.02 23.54
C GLY A 5 -20.21 5.55 23.72
N GLY A 6 -19.26 5.27 24.59
CA GLY A 6 -18.86 3.92 24.86
C GLY A 6 -17.58 3.93 25.66
N THR A 7 -17.58 3.25 26.79
CA THR A 7 -16.38 3.17 27.61
C THR A 7 -15.47 2.05 27.11
N ILE A 8 -14.19 2.16 27.46
CA ILE A 8 -13.26 1.11 27.11
C ILE A 8 -13.62 -0.19 27.82
N ARG A 9 -14.11 -0.09 29.07
CA ARG A 9 -14.55 -1.29 29.78
C ARG A 9 -15.66 -2.01 29.03
N SER A 10 -16.63 -1.27 28.48
CA SER A 10 -17.70 -1.92 27.72
C SER A 10 -17.12 -2.65 26.52
N LEU A 11 -16.21 -1.99 25.80
CA LEU A 11 -15.56 -2.58 24.64
C LEU A 11 -14.87 -3.88 25.00
N LEU A 12 -14.06 -3.86 26.07
CA LEU A 12 -13.27 -5.04 26.42
C LEU A 12 -14.13 -6.17 26.97
N ASP A 13 -15.27 -5.84 27.63
CA ASP A 13 -16.21 -6.89 28.01
C ASP A 13 -16.75 -7.61 26.79
N LYS A 14 -17.04 -6.86 25.72
CA LYS A 14 -17.49 -7.49 24.48
C LYS A 14 -16.40 -8.35 23.86
N VAL A 15 -15.15 -7.87 23.84
CA VAL A 15 -14.05 -8.71 23.38
C VAL A 15 -13.95 -9.97 24.25
N ALA A 16 -14.03 -9.80 25.58
CA ALA A 16 -13.87 -10.93 26.49
C ALA A 16 -14.93 -11.99 26.26
N GLU A 17 -16.18 -11.58 26.02
CA GLU A 17 -17.28 -12.50 25.74
C GLU A 17 -17.20 -13.09 24.33
N GLN A 18 -16.25 -12.65 23.52
CA GLN A 18 -16.15 -13.02 22.10
C GLN A 18 -17.36 -12.55 21.30
N GLU A 19 -17.97 -11.43 21.70
CA GLU A 19 -18.99 -10.76 20.91
C GLU A 19 -18.44 -9.72 19.92
N TYR A 20 -17.20 -9.28 20.10
CA TYR A 20 -16.47 -8.50 19.09
C TYR A 20 -15.35 -9.37 18.57
N LEU A 21 -15.44 -9.73 17.29
CA LEU A 21 -14.55 -10.69 16.65
C LEU A 21 -13.87 -10.02 15.48
N LEU A 22 -12.85 -10.68 14.96
CA LEU A 22 -12.12 -10.21 13.79
C LEU A 22 -12.51 -11.03 12.57
N PRO A 23 -12.81 -10.38 11.43
CA PRO A 23 -12.90 -11.14 10.18
C PRO A 23 -11.53 -11.68 9.81
N ALA A 24 -11.52 -12.78 9.04
CA ALA A 24 -10.30 -13.56 8.86
C ALA A 24 -9.07 -12.73 8.48
N ILE A 25 -9.25 -11.58 7.84
CA ILE A 25 -8.08 -10.88 7.27
C ILE A 25 -6.96 -10.69 8.29
N PHE A 29 -0.80 -9.03 12.47
CA PHE A 29 0.38 -8.28 12.99
C PHE A 29 -0.01 -7.55 14.28
N VAL A 30 0.95 -7.42 15.21
CA VAL A 30 0.70 -6.75 16.48
C VAL A 30 1.78 -5.69 16.68
N TRP A 31 1.43 -4.62 17.39
CA TRP A 31 2.34 -3.50 17.61
C TRP A 31 3.54 -3.90 18.47
N ARG A 32 4.56 -3.04 18.45
CA ARG A 32 5.66 -3.16 19.39
C ARG A 32 5.21 -2.76 20.80
N PRO A 33 5.75 -3.39 21.84
CA PRO A 33 5.28 -3.05 23.18
C PRO A 33 5.34 -1.57 23.47
N GLU A 34 6.40 -0.88 23.02
CA GLU A 34 6.51 0.56 23.24
C GLU A 34 5.42 1.36 22.52
N GLN A 35 4.83 0.79 21.48
CA GLN A 35 3.74 1.49 20.80
C GLN A 35 2.44 1.34 21.58
N ILE A 36 2.22 0.16 22.18
CA ILE A 36 1.09 0.00 23.09
C ILE A 36 1.22 0.97 24.25
N CYS A 37 2.40 1.05 24.85
CA CYS A 37 2.62 1.99 25.95
C CYS A 37 2.32 3.43 25.53
N ARG A 38 2.75 3.82 24.33
CA ARG A 38 2.47 5.18 23.87
C ARG A 38 1.00 5.41 23.63
N LEU A 39 0.26 4.36 23.22
CA LEU A 39 -1.19 4.46 23.09
C LEU A 39 -1.85 4.76 24.43
N PHE A 40 -1.41 4.10 25.50
CA PHE A 40 -1.99 4.34 26.81
C PHE A 40 -1.61 5.72 27.34
N ASP A 41 -0.39 6.18 27.06
CA ASP A 41 0.02 7.53 27.47
C ASP A 41 -0.83 8.59 26.76
N SER A 42 -0.94 8.48 25.44
CA SER A 42 -1.81 9.38 24.69
C SER A 42 -3.24 9.34 25.23
N LEU A 43 -3.73 8.15 25.56
CA LEU A 43 -5.11 8.01 26.03
C LEU A 43 -5.31 8.75 27.34
N LEU A 44 -4.36 8.63 28.28
CA LEU A 44 -4.52 9.33 29.56
C LEU A 44 -4.27 10.83 29.42
N GLN A 45 -3.58 11.27 28.36
CA GLN A 45 -3.37 12.69 28.13
C GLN A 45 -4.56 13.39 27.49
N GLY A 46 -5.55 12.64 26.99
CA GLY A 46 -6.72 13.25 26.37
C GLY A 46 -6.79 13.13 24.85
N TYR A 47 -5.77 12.57 24.18
CA TYR A 47 -5.85 12.38 22.73
C TYR A 47 -6.99 11.43 22.42
N PRO A 48 -8.01 11.84 21.65
CA PRO A 48 -9.16 10.97 21.41
C PRO A 48 -8.90 9.91 20.36
N PHE A 49 -9.67 8.83 20.46
CA PHE A 49 -9.69 7.79 19.44
C PHE A 49 -10.56 8.24 18.28
N GLY A 50 -10.08 7.99 17.05
CA GLY A 50 -10.96 8.08 15.92
C GLY A 50 -12.07 7.04 16.02
N THR A 51 -13.11 7.24 15.22
CA THR A 51 -14.25 6.34 15.20
C THR A 51 -13.91 4.99 14.55
N PHE A 52 -14.49 3.90 15.09
CA PHE A 52 -14.34 2.53 14.59
C PHE A 52 -15.44 2.18 13.59
N LEU A 53 -15.23 1.09 12.86
CA LEU A 53 -16.25 0.53 11.95
C LEU A 53 -16.50 -0.93 12.29
N PHE A 54 -17.76 -1.26 12.60
CA PHE A 54 -18.19 -2.59 13.00
C PHE A 54 -19.20 -3.13 11.99
N TRP A 55 -19.08 -4.42 11.71
CA TRP A 55 -19.97 -5.10 10.77
C TRP A 55 -20.79 -6.11 11.56
N LYS A 56 -22.11 -5.97 11.52
CA LYS A 56 -22.98 -6.83 12.30
C LYS A 56 -23.27 -8.12 11.54
N ILE A 57 -23.06 -9.26 12.19
CA ILE A 57 -23.31 -10.56 11.60
C ILE A 57 -24.59 -11.11 12.23
N LYS A 58 -25.62 -11.29 11.42
CA LYS A 58 -26.86 -11.86 11.92
C LYS A 58 -26.65 -13.34 12.22
N PRO A 59 -27.37 -13.88 13.21
CA PRO A 59 -27.09 -15.26 13.64
C PRO A 59 -27.19 -16.27 12.51
N GLU A 60 -28.04 -16.00 11.51
CA GLU A 60 -28.15 -16.88 10.35
C GLU A 60 -26.84 -16.99 9.57
N ASN A 61 -25.91 -16.05 9.71
CA ASN A 61 -24.64 -16.09 8.98
C ASN A 61 -23.46 -16.32 9.89
N ARG A 62 -23.69 -16.70 11.14
CA ARG A 62 -22.56 -16.90 12.05
C ARG A 62 -21.58 -17.93 11.54
N ASP A 63 -21.98 -18.78 10.60
CA ASP A 63 -21.10 -19.81 10.04
C ASP A 63 -20.59 -19.48 8.65
N SER A 64 -21.07 -18.39 8.04
CA SER A 64 -20.76 -18.08 6.66
C SER A 64 -19.33 -17.61 6.45
N TYR A 65 -18.64 -17.22 7.52
CA TYR A 65 -17.31 -16.65 7.36
C TYR A 65 -16.41 -17.16 8.47
N GLN A 66 -15.11 -17.01 8.27
CA GLN A 66 -14.12 -17.36 9.29
C GLN A 66 -13.81 -16.14 10.16
N PHE A 67 -13.89 -16.29 11.48
CA PHE A 67 -13.58 -15.23 12.42
C PHE A 67 -12.46 -15.63 13.37
N TYR A 68 -11.87 -14.62 14.00
CA TYR A 68 -10.81 -14.81 14.97
C TYR A 68 -11.11 -14.00 16.22
N GLN A 69 -10.39 -14.32 17.28
CA GLN A 69 -10.41 -13.58 18.52
C GLN A 69 -9.31 -12.53 18.51
N PHE A 70 -9.55 -11.42 19.22
CA PHE A 70 -8.47 -10.47 19.44
C PHE A 70 -7.34 -11.14 20.23
N MET A 71 -6.12 -10.84 19.83
CA MET A 71 -4.95 -11.33 20.57
C MET A 71 -5.02 -10.82 22.00
N GLN A 72 -4.55 -11.63 22.94
CA GLN A 72 -4.57 -11.28 24.35
C GLN A 72 -3.21 -11.50 25.03
N HIS A 73 -2.73 -12.73 25.01
CA HIS A 73 -1.43 -13.05 25.63
C HIS A 73 -0.45 -13.28 24.49
N TYR A 74 0.25 -12.21 24.11
CA TYR A 74 1.14 -12.26 22.95
C TYR A 74 2.46 -12.90 23.35
N HIS A 75 2.88 -13.92 22.60
CA HIS A 75 4.18 -14.56 22.74
C HIS A 75 4.89 -14.53 21.39
N GLU A 76 5.99 -13.77 21.31
CA GLU A 76 6.76 -13.65 20.07
C GLU A 76 7.04 -15.00 19.40
N ARG A 77 7.06 -16.09 20.15
CA ARG A 77 7.31 -17.41 19.58
C ARG A 77 6.09 -18.32 19.62
N ASP A 78 5.52 -18.55 20.81
CA ASP A 78 4.56 -19.63 21.01
C ASP A 78 3.11 -19.25 20.69
N ASN A 79 2.79 -17.95 20.56
CA ASN A 79 1.42 -17.50 20.31
C ASN A 79 1.41 -16.11 19.69
N TYR A 80 1.74 -16.00 18.40
CA TYR A 80 1.80 -14.71 17.72
C TYR A 80 0.80 -14.54 16.59
N HIS A 81 -0.03 -15.53 16.30
CA HIS A 81 -1.08 -15.38 15.31
C HIS A 81 -2.44 -15.61 15.96
N CYS A 82 -3.44 -14.89 15.45
CA CYS A 82 -4.72 -14.76 16.15
C CYS A 82 -5.32 -16.11 16.50
N GLU A 83 -5.90 -16.16 17.69
CA GLU A 83 -6.63 -17.33 18.14
C GLU A 83 -7.90 -17.50 17.31
N ASN A 84 -8.22 -18.74 16.96
CA ASN A 84 -9.51 -18.98 16.33
C ASN A 84 -10.62 -18.89 17.38
N VAL A 85 -11.85 -18.82 16.90
CA VAL A 85 -12.98 -18.55 17.77
C VAL A 85 -13.36 -19.82 18.52
N THR A 86 -13.29 -19.77 19.84
CA THR A 86 -14.12 -20.61 20.67
C THR A 86 -15.39 -19.82 20.97
N GLN A 87 -16.42 -20.49 21.46
CA GLN A 87 -17.59 -19.75 21.97
C GLN A 87 -18.15 -18.78 20.92
N LEU A 88 -18.61 -19.31 19.78
CA LEU A 88 -19.19 -18.42 18.77
C LEU A 88 -20.54 -17.91 19.26
N PRO A 89 -20.78 -16.59 19.24
CA PRO A 89 -22.08 -16.08 19.68
C PRO A 89 -23.23 -16.69 18.88
N GLU A 90 -24.34 -16.94 19.58
CA GLU A 90 -25.56 -17.39 18.91
C GLU A 90 -26.56 -16.27 18.71
N ARG A 91 -26.36 -15.12 19.35
CA ARG A 91 -27.06 -13.90 19.01
C ARG A 91 -26.22 -13.07 18.03
N GLU A 92 -26.80 -11.99 17.54
CA GLU A 92 -26.05 -11.11 16.66
C GLU A 92 -24.76 -10.66 17.33
N PHE A 93 -23.70 -10.52 16.53
CA PHE A 93 -22.38 -10.14 17.02
C PHE A 93 -21.68 -9.25 15.99
N ILE A 94 -20.43 -8.88 16.28
CA ILE A 94 -19.73 -7.84 15.56
C ILE A 94 -18.40 -8.39 15.04
N ALA A 95 -18.07 -8.08 13.78
CA ALA A 95 -16.72 -8.21 13.25
C ALA A 95 -16.14 -6.81 13.06
N VAL A 96 -14.97 -6.57 13.65
CA VAL A 96 -14.38 -5.24 13.62
C VAL A 96 -13.60 -5.08 12.32
N LEU A 97 -14.01 -4.10 11.52
CA LEU A 97 -13.38 -3.78 10.25
C LEU A 97 -12.38 -2.64 10.35
N ASP A 98 -12.56 -1.72 11.30
CA ASP A 98 -11.63 -0.62 11.54
C ASP A 98 -11.54 -0.40 13.04
N GLY A 99 -10.32 -0.36 13.56
CA GLY A 99 -10.10 -0.39 15.01
C GLY A 99 -9.41 -1.65 15.49
N GLN A 100 -9.13 -2.61 14.61
CA GLN A 100 -8.51 -3.87 15.01
C GLN A 100 -7.28 -3.66 15.88
N GLN A 101 -6.35 -2.84 15.41
CA GLN A 101 -5.06 -2.72 16.09
C GLN A 101 -5.18 -1.95 17.39
N ARG A 102 -6.03 -0.92 17.42
CA ARG A 102 -6.23 -0.14 18.64
C ARG A 102 -6.92 -0.97 19.71
N ILE A 103 -7.88 -1.81 19.30
CA ILE A 103 -8.55 -2.68 20.27
C ILE A 103 -7.57 -3.74 20.77
N THR A 104 -6.81 -4.36 19.87
CA THR A 104 -5.81 -5.33 20.28
C THR A 104 -4.90 -4.74 21.36
N ALA A 105 -4.50 -3.48 21.21
CA ALA A 105 -3.55 -2.90 22.15
C ALA A 105 -4.20 -2.67 23.51
N LEU A 106 -5.44 -2.13 23.52
CA LEU A 106 -6.19 -2.01 24.76
C LEU A 106 -6.31 -3.37 25.42
N ASN A 107 -6.64 -4.38 24.62
CA ASN A 107 -6.86 -5.73 25.13
C ASN A 107 -5.58 -6.32 25.75
N ILE A 108 -4.45 -6.19 25.04
CA ILE A 108 -3.17 -6.66 25.59
C ILE A 108 -2.80 -5.88 26.86
N GLY A 109 -2.89 -4.55 26.80
CA GLY A 109 -2.53 -3.75 27.96
C GLY A 109 -3.41 -4.00 29.18
N LEU A 110 -4.72 -4.22 28.97
CA LEU A 110 -5.66 -4.24 30.08
C LEU A 110 -6.05 -5.64 30.51
N ARG A 111 -6.09 -6.59 29.58
CA ARG A 111 -6.46 -7.96 29.90
C ARG A 111 -5.41 -9.02 29.55
N GLY A 112 -4.25 -8.64 29.00
CA GLY A 112 -3.36 -9.63 28.41
C GLY A 112 -1.92 -9.42 28.84
N SER A 113 -0.99 -9.77 27.94
CA SER A 113 0.43 -9.74 28.27
C SER A 113 1.25 -9.89 26.99
N PHE A 114 2.53 -9.58 27.10
CA PHE A 114 3.44 -9.51 25.96
C PHE A 114 4.73 -10.21 26.35
N ALA A 115 5.15 -11.20 25.56
CA ALA A 115 6.41 -11.93 25.77
C ALA A 115 7.30 -11.79 24.54
N TRP A 116 8.40 -11.06 24.68
CA TRP A 116 9.29 -10.85 23.55
C TRP A 116 10.67 -11.41 23.88
N LYS A 117 11.45 -11.64 22.82
CA LYS A 117 12.77 -12.25 22.97
C LYS A 117 13.75 -11.26 23.59
N LEU A 118 14.42 -11.67 24.66
CA LEU A 118 15.43 -10.80 25.24
C LEU A 118 16.56 -10.51 24.23
N THR A 119 17.05 -9.28 24.27
CA THR A 119 18.13 -8.87 23.40
C THR A 119 19.36 -9.73 23.63
N GLY A 120 19.93 -10.24 22.53
CA GLY A 120 21.13 -11.04 22.61
C GLY A 120 20.90 -12.53 22.73
N LYS A 121 19.68 -12.97 23.05
CA LYS A 121 19.34 -14.37 23.19
C LYS A 121 18.69 -14.89 21.91
N TRP A 122 18.47 -16.19 21.86
CA TRP A 122 18.02 -16.83 20.63
C TRP A 122 16.76 -17.62 20.90
N TRP A 123 15.99 -17.77 19.81
CA TRP A 123 14.69 -18.45 19.84
C TRP A 123 14.75 -19.80 20.51
N SER A 124 15.85 -20.52 20.35
CA SER A 124 15.94 -21.86 20.91
C SER A 124 15.88 -21.84 22.43
N ASN A 125 16.07 -20.68 23.07
CA ASN A 125 16.12 -20.59 24.52
C ASN A 125 14.74 -20.28 25.09
N ASP A 126 14.19 -21.21 25.88
CA ASP A 126 12.83 -21.06 26.37
C ASP A 126 12.71 -20.10 27.55
N ASP A 127 13.84 -19.65 28.11
CA ASP A 127 13.83 -18.63 29.14
C ASP A 127 14.24 -17.26 28.61
N ALA A 128 14.23 -17.06 27.29
CA ALA A 128 14.45 -15.74 26.72
C ALA A 128 13.14 -15.00 26.43
N PHE A 129 12.00 -15.52 26.88
CA PHE A 129 10.69 -14.91 26.65
C PHE A 129 9.90 -14.77 27.96
N PRO A 130 10.43 -14.04 28.93
CA PRO A 130 9.67 -13.82 30.18
C PRO A 130 8.39 -13.03 29.91
N VAL A 131 7.26 -13.53 30.44
CA VAL A 131 5.97 -12.87 30.32
C VAL A 131 5.95 -11.52 31.04
N ARG A 132 5.58 -10.47 30.32
CA ARG A 132 5.49 -9.13 30.89
C ARG A 132 4.04 -8.64 30.77
N ARG A 133 3.64 -7.79 31.70
CA ARG A 133 2.31 -7.19 31.66
C ARG A 133 2.44 -5.69 31.82
N LEU A 134 1.42 -4.95 31.35
CA LEU A 134 1.52 -3.50 31.29
C LEU A 134 1.41 -2.88 32.69
N HIS A 135 2.30 -1.95 32.98
CA HIS A 135 2.34 -1.27 34.26
C HIS A 135 2.35 0.24 34.03
N LEU A 136 1.88 0.97 35.04
CA LEU A 136 1.87 2.42 35.02
C LEU A 136 2.57 2.89 36.28
N ASN A 137 3.46 3.86 36.13
CA ASN A 137 4.14 4.44 37.29
C ASN A 137 3.22 5.48 37.91
N LEU A 138 2.68 5.18 39.10
CA LEU A 138 1.73 6.13 39.67
C LEU A 138 2.38 7.45 40.06
N LEU A 139 3.72 7.55 40.02
CA LEU A 139 4.42 8.81 40.25
C LEU A 139 5.03 9.39 38.98
N SER A 140 4.45 9.11 37.81
CA SER A 140 4.97 9.70 36.58
C SER A 140 4.95 11.21 36.65
N LYS A 141 5.97 11.82 36.06
CA LYS A 141 5.95 13.26 35.85
C LYS A 141 6.32 13.58 34.41
N PRO A 142 5.76 14.67 33.85
CA PRO A 142 6.12 15.08 32.48
C PRO A 142 7.57 14.83 32.11
N ASP A 143 7.80 14.06 31.08
CA ASP A 143 9.12 13.85 30.59
C ASP A 143 9.19 14.85 29.46
N LEU A 144 10.19 15.70 29.44
CA LEU A 144 10.23 16.71 28.43
C LEU A 144 11.02 16.34 27.21
N GLU A 145 11.47 15.11 27.19
CA GLU A 145 12.22 14.62 26.09
C GLU A 145 11.43 13.75 25.20
N THR A 146 10.33 13.21 25.68
CA THR A 146 9.56 12.25 24.90
C THR A 146 8.12 12.68 24.74
N GLY A 147 7.77 13.90 25.16
CA GLY A 147 6.39 14.29 25.34
C GLY A 147 5.62 13.42 26.34
N SER A 148 6.25 12.38 26.89
CA SER A 148 5.60 11.48 27.83
C SER A 148 5.06 12.25 29.03
N MET A 149 3.87 11.88 29.47
CA MET A 149 3.31 12.38 30.71
C MET A 149 3.04 11.27 31.72
N TYR A 150 2.68 10.08 31.25
CA TYR A 150 2.51 8.90 32.08
C TYR A 150 3.46 7.84 31.55
N ASP A 151 4.21 7.22 32.46
CA ASP A 151 5.17 6.17 32.08
C ASP A 151 4.46 4.83 32.15
N PHE A 152 4.12 4.29 31.00
CA PHE A 152 3.67 2.92 30.88
C PHE A 152 4.84 2.05 30.44
N GLU A 153 4.87 0.82 30.94
CA GLU A 153 5.96 -0.10 30.64
C GLU A 153 5.49 -1.52 30.89
N PHE A 154 5.84 -2.43 29.97
CA PHE A 154 5.64 -3.86 30.19
C PHE A 154 6.76 -4.40 31.08
N LEU A 155 6.39 -4.99 32.23
CA LEU A 155 7.36 -5.44 33.21
C LEU A 155 6.99 -6.83 33.70
N THR A 156 8.02 -7.56 34.17
CA THR A 156 7.83 -8.73 35.01
C THR A 156 7.33 -8.32 36.40
N ASP A 157 6.69 -9.27 37.07
CA ASP A 157 6.34 -9.07 38.48
C ASP A 157 7.57 -8.71 39.31
N ASP A 158 8.74 -9.26 38.96
CA ASP A 158 9.93 -9.03 39.76
C ASP A 158 10.47 -7.60 39.59
N LYS A 159 10.63 -7.14 38.36
CA LYS A 159 11.14 -5.79 38.16
C LYS A 159 10.10 -4.70 38.47
N ALA A 160 8.81 -5.06 38.55
CA ALA A 160 7.79 -4.11 38.99
C ALA A 160 7.78 -3.94 40.50
N SER A 161 8.24 -4.96 41.24
CA SER A 161 8.28 -4.94 42.69
C SER A 161 9.48 -4.20 43.25
N LEU A 162 10.26 -3.52 42.40
CA LEU A 162 11.48 -2.86 42.85
C LEU A 162 11.20 -1.42 43.21
N ASP A 163 11.87 -0.96 44.26
CA ASP A 163 11.68 0.37 44.81
C ASP A 163 12.69 1.32 44.16
N ALA A 164 12.19 2.25 43.34
CA ALA A 164 13.02 3.31 42.81
C ALA A 164 12.49 4.63 43.34
N SER A 165 13.36 5.66 43.29
CA SER A 165 13.16 6.86 44.12
C SER A 165 11.75 7.42 44.01
N GLU A 166 11.27 7.60 42.76
CA GLU A 166 9.86 7.93 42.52
C GLU A 166 9.35 7.02 41.38
N GLN A 167 9.31 5.72 41.69
CA GLN A 167 8.74 4.68 40.84
C GLN A 167 7.80 3.83 41.67
N TYR A 168 6.49 3.99 41.47
CA TYR A 168 5.49 3.14 42.10
C TYR A 168 4.72 2.47 40.97
N TRP A 169 5.14 1.26 40.60
CA TRP A 169 4.57 0.55 39.47
C TRP A 169 3.24 -0.07 39.86
N PHE A 170 2.23 0.12 39.02
CA PHE A 170 0.91 -0.42 39.26
C PHE A 170 0.51 -1.21 38.03
N ARG A 171 0.06 -2.43 38.22
CA ARG A 171 -0.28 -3.31 37.10
C ARG A 171 -1.64 -2.89 36.54
N VAL A 172 -1.65 -2.35 35.31
CA VAL A 172 -2.85 -1.71 34.73
C VAL A 172 -4.03 -2.69 34.68
N GLY A 173 -3.77 -3.95 34.36
CA GLY A 173 -4.89 -4.88 34.24
C GLY A 173 -5.70 -5.05 35.51
N ARG A 174 -5.20 -4.61 36.65
CA ARG A 174 -5.96 -4.78 37.86
C ARG A 174 -7.22 -3.90 37.90
N ILE A 175 -7.31 -2.84 37.07
CA ILE A 175 -8.56 -2.10 37.05
C ILE A 175 -9.67 -2.86 36.34
N MET A 176 -9.37 -3.99 35.71
CA MET A 176 -10.44 -4.83 35.18
C MET A 176 -10.87 -5.92 36.16
N GLU A 177 -10.08 -6.16 37.21
CA GLU A 177 -10.27 -7.28 38.11
C GLU A 177 -10.75 -6.87 39.49
N GLU A 178 -10.56 -5.62 39.89
CA GLU A 178 -10.84 -5.25 41.26
C GLU A 178 -11.55 -3.91 41.28
N GLU A 179 -12.26 -3.64 42.38
CA GLU A 179 -12.99 -2.38 42.51
C GLU A 179 -12.02 -1.25 42.80
N GLU A 180 -12.39 -0.05 42.34
CA GLU A 180 -11.53 1.11 42.56
C GLU A 180 -11.23 1.35 44.04
N ASP A 181 -12.20 1.13 44.93
CA ASP A 181 -11.99 1.34 46.37
C ASP A 181 -10.82 0.51 46.89
N ALA A 182 -10.84 -0.79 46.62
CA ALA A 182 -9.77 -1.69 47.03
C ALA A 182 -8.41 -1.21 46.52
N LEU A 183 -8.33 -0.77 45.26
CA LEU A 183 -7.04 -0.41 44.69
C LEU A 183 -6.53 0.89 45.29
N ILE A 184 -7.41 1.87 45.45
CA ILE A 184 -7.00 3.14 46.04
C ILE A 184 -6.62 2.96 47.50
N ASP A 185 -7.27 2.04 48.21
CA ASP A 185 -6.93 1.83 49.62
C ASP A 185 -5.57 1.17 49.77
N GLU A 186 -5.22 0.23 48.88
CA GLU A 186 -3.89 -0.37 48.92
C GLU A 186 -2.81 0.71 48.74
N VAL A 187 -3.04 1.65 47.83
CA VAL A 187 -2.12 2.78 47.67
C VAL A 187 -2.09 3.63 48.94
N ALA A 188 -3.24 3.87 49.53
CA ALA A 188 -3.24 4.75 50.70
C ALA A 188 -2.61 4.06 51.89
N ASP A 189 -2.58 2.73 51.90
CA ASP A 189 -2.09 1.93 53.02
C ASP A 189 -0.63 1.49 52.87
N ASP A 190 0.08 1.98 51.85
CA ASP A 190 1.40 1.46 51.49
C ASP A 190 2.50 2.33 52.08
N ALA A 191 3.31 1.74 52.94
CA ALA A 191 4.41 2.47 53.57
C ALA A 191 5.56 2.74 52.62
N ARG A 192 5.45 2.39 51.34
CA ARG A 192 6.49 2.77 50.39
C ARG A 192 6.39 4.23 50.00
N LEU A 193 5.24 4.87 50.24
CA LEU A 193 4.99 6.21 49.75
C LEU A 193 4.91 7.20 50.90
N SER A 194 5.53 8.37 50.71
CA SER A 194 5.31 9.47 51.62
C SER A 194 3.89 10.00 51.44
N SER A 195 3.45 10.84 52.38
CA SER A 195 2.12 11.43 52.26
C SER A 195 2.02 12.31 51.01
N GLU A 196 3.10 12.98 50.64
CA GLU A 196 3.08 13.79 49.42
C GLU A 196 2.94 12.92 48.18
N GLN A 197 3.54 11.74 48.20
CA GLN A 197 3.49 10.89 47.02
C GLN A 197 2.19 10.10 46.94
N ARG A 198 1.62 9.72 48.09
CA ARG A 198 0.37 8.97 47.98
C ARG A 198 -0.76 9.86 47.48
N LYS A 199 -0.64 11.19 47.61
CA LYS A 199 -1.63 12.07 46.97
C LYS A 199 -1.51 12.05 45.46
N GLU A 200 -0.30 12.08 44.91
CA GLU A 200 -0.26 12.10 43.46
C GLU A 200 -0.46 10.71 42.88
N ALA A 201 -0.10 9.64 43.62
CA ALA A 201 -0.33 8.28 43.16
C ALA A 201 -1.83 7.93 43.18
N ARG A 202 -2.55 8.37 44.21
CA ARG A 202 -4.01 8.18 44.24
C ARG A 202 -4.68 8.90 43.07
N SER A 203 -4.24 10.13 42.79
CA SER A 203 -4.87 10.89 41.73
C SER A 203 -4.57 10.28 40.35
N THR A 204 -3.42 9.63 40.19
CA THR A 204 -3.11 8.99 38.92
C THR A 204 -3.82 7.66 38.77
N LEU A 205 -3.97 6.92 39.86
CA LEU A 205 -4.74 5.68 39.80
C LEU A 205 -6.21 5.95 39.46
N ARG A 206 -6.79 7.00 40.08
CA ARG A 206 -8.19 7.33 39.80
C ARG A 206 -8.37 7.75 38.36
N HIS A 207 -7.48 8.60 37.85
CA HIS A 207 -7.56 9.05 36.46
C HIS A 207 -7.46 7.86 35.52
N LEU A 208 -6.57 6.92 35.81
CA LEU A 208 -6.45 5.73 34.99
C LEU A 208 -7.72 4.88 35.08
N TYR A 209 -8.22 4.67 36.31
CA TYR A 209 -9.43 3.86 36.48
C TYR A 209 -10.62 4.50 35.78
N ARG A 210 -10.73 5.81 35.86
CA ARG A 210 -11.94 6.45 35.36
C ARG A 210 -11.86 6.72 33.87
N THR A 211 -10.67 6.86 33.32
CA THR A 211 -10.56 6.93 31.87
C THR A 211 -11.13 5.67 31.23
N ILE A 212 -11.00 4.54 31.92
CA ILE A 212 -11.38 3.26 31.34
C ILE A 212 -12.84 2.93 31.63
N HIS A 213 -13.38 3.38 32.76
CA HIS A 213 -14.70 2.95 33.18
C HIS A 213 -15.80 3.99 33.03
N ASP A 214 -15.44 5.27 33.01
CA ASP A 214 -16.45 6.33 33.05
C ASP A 214 -16.49 7.17 31.79
N LYS A 215 -15.36 7.39 31.15
CA LYS A 215 -15.28 8.29 30.01
C LYS A 215 -15.70 7.58 28.74
N ASP A 216 -16.44 8.30 27.87
CA ASP A 216 -16.87 7.78 26.58
C ASP A 216 -15.73 7.98 25.59
N LYS A 217 -14.86 6.99 25.49
CA LYS A 217 -13.70 7.13 24.62
C LYS A 217 -13.87 6.40 23.30
N ILE A 218 -14.80 5.44 23.24
CA ILE A 218 -15.01 4.56 22.08
C ILE A 218 -16.22 5.04 21.29
N SER A 219 -16.07 5.21 19.99
CA SER A 219 -17.20 5.51 19.14
C SER A 219 -17.14 4.65 17.87
N PHE A 220 -18.30 4.33 17.31
CA PHE A 220 -18.29 3.44 16.15
C PHE A 220 -19.56 3.54 15.33
N TYR A 221 -19.42 3.19 14.05
CA TYR A 221 -20.54 2.84 13.19
C TYR A 221 -20.75 1.33 13.18
N GLU A 222 -22.01 0.91 13.21
CA GLU A 222 -22.42 -0.49 13.21
C GLU A 222 -23.32 -0.74 12.00
N GLU A 223 -22.96 -1.68 11.13
CA GLU A 223 -23.73 -1.89 9.90
C GLU A 223 -23.84 -3.35 9.52
N SER A 224 -25.00 -3.72 8.95
CA SER A 224 -25.26 -5.07 8.46
C SER A 224 -24.81 -5.22 7.01
N ASP A 225 -25.03 -6.41 6.44
CA ASP A 225 -24.69 -6.67 5.04
C ASP A 225 -25.28 -5.60 4.13
N GLN A 226 -26.54 -5.22 4.37
CA GLN A 226 -27.24 -4.36 3.42
C GLN A 226 -26.64 -2.95 3.36
N SER A 227 -26.41 -2.31 4.50
CA SER A 227 -25.86 -0.96 4.51
C SER A 227 -24.33 -0.93 4.46
N LEU A 228 -23.67 -2.10 4.44
CA LEU A 228 -22.22 -2.14 4.66
C LEU A 228 -21.46 -1.37 3.59
N GLU A 229 -21.73 -1.66 2.31
CA GLU A 229 -20.96 -1.04 1.24
C GLU A 229 -21.09 0.48 1.31
N ARG A 230 -22.33 0.98 1.36
CA ARG A 230 -22.56 2.41 1.46
C ARG A 230 -21.84 3.01 2.65
N VAL A 231 -22.01 2.43 3.84
CA VAL A 231 -21.51 3.08 5.03
C VAL A 231 -20.00 2.95 5.12
N LEU A 232 -19.44 1.87 4.60
CA LEU A 232 -17.98 1.77 4.59
C LEU A 232 -17.37 2.86 3.72
N ASN A 233 -18.03 3.22 2.61
CA ASN A 233 -17.44 4.22 1.73
C ASN A 233 -17.57 5.61 2.35
N ILE A 234 -18.70 5.88 3.01
CA ILE A 234 -18.84 7.11 3.80
C ILE A 234 -17.75 7.15 4.87
N PHE A 235 -17.65 6.08 5.68
CA PHE A 235 -16.61 6.04 6.70
C PHE A 235 -15.25 6.41 6.13
N ILE A 236 -14.88 5.80 5.01
CA ILE A 236 -13.56 6.04 4.42
C ILE A 236 -13.44 7.47 3.89
N ARG A 237 -14.48 7.98 3.22
CA ARG A 237 -14.40 9.36 2.72
C ARG A 237 -14.27 10.37 3.87
N MET A 238 -15.02 10.19 4.96
CA MET A 238 -15.04 11.17 6.05
C MET A 238 -13.84 11.07 6.98
N ASN A 239 -13.17 9.91 7.06
CA ASN A 239 -12.01 9.79 7.93
C ASN A 239 -10.73 9.74 7.10
N SER A 240 -9.61 9.42 7.75
CA SER A 240 -8.39 9.19 6.99
C SER A 240 -8.73 8.18 5.90
N GLY A 241 -8.89 8.66 4.67
CA GLY A 241 -9.37 7.80 3.61
C GLY A 241 -8.22 7.21 2.84
N GLY A 242 -7.20 8.03 2.60
CA GLY A 242 -5.94 7.54 2.08
C GLY A 242 -4.99 7.22 3.22
N THR A 243 -4.35 6.04 3.13
CA THR A 243 -3.41 5.63 4.16
C THR A 243 -2.53 6.80 4.56
N THR A 244 -2.66 7.23 5.81
CA THR A 244 -1.82 8.31 6.30
C THR A 244 -0.36 7.93 6.17
N LEU A 245 0.43 8.82 5.57
CA LEU A 245 1.85 8.55 5.39
C LEU A 245 2.58 8.58 6.71
N SER A 246 3.35 7.53 6.99
CA SER A 246 4.26 7.53 8.13
C SER A 246 5.29 8.64 7.99
N TYR A 247 5.91 9.00 9.12
CA TYR A 247 6.97 10.01 9.06
C TYR A 247 8.03 9.64 8.03
N SER A 248 8.41 8.36 7.96
CA SER A 248 9.52 7.99 7.09
C SER A 248 9.11 8.04 5.62
N ASP A 249 7.84 7.76 5.30
CA ASP A 249 7.33 7.95 3.94
C ASP A 249 7.16 9.41 3.61
N LEU A 250 6.88 10.24 4.62
CA LEU A 250 6.85 11.68 4.39
C LEU A 250 8.23 12.20 4.01
N LEU A 251 9.27 11.75 4.72
CA LEU A 251 10.63 12.17 4.39
C LEU A 251 11.00 11.74 2.98
N LEU A 252 10.69 10.50 2.61
CA LEU A 252 10.97 10.06 1.25
C LEU A 252 10.29 10.98 0.24
N SER A 253 9.01 11.29 0.47
CA SER A 253 8.27 12.18 -0.44
C SER A 253 8.86 13.59 -0.42
N ILE A 254 9.15 14.13 0.76
CA ILE A 254 9.81 15.43 0.83
C ILE A 254 11.08 15.43 0.00
N ALA A 255 11.84 14.33 0.06
CA ALA A 255 13.15 14.28 -0.57
C ALA A 255 13.04 14.12 -2.09
N VAL A 256 12.23 13.17 -2.56
CA VAL A 256 12.08 12.99 -4.00
C VAL A 256 11.69 14.30 -4.67
N ALA A 257 10.85 15.10 -4.02
CA ALA A 257 10.34 16.32 -4.62
C ALA A 257 11.41 17.35 -4.97
N GLN A 258 12.64 17.21 -4.47
CA GLN A 258 13.66 18.22 -4.66
C GLN A 258 14.71 17.84 -5.71
N TRP A 259 14.50 16.79 -6.50
CA TRP A 259 15.49 16.33 -7.46
C TRP A 259 15.05 16.71 -8.87
N SER A 260 15.90 17.50 -9.56
CA SER A 260 15.56 18.02 -10.88
C SER A 260 15.06 16.92 -11.80
N SER A 261 15.91 15.95 -12.10
CA SER A 261 15.41 14.75 -12.78
C SER A 261 16.46 13.66 -12.75
N LEU A 262 16.53 12.98 -11.61
CA LEU A 262 17.06 11.64 -11.57
C LEU A 262 15.95 10.64 -11.25
N ASP A 263 14.70 11.08 -11.18
CA ASP A 263 13.59 10.20 -10.84
C ASP A 263 13.87 9.52 -9.50
N ALA A 264 14.01 10.36 -8.48
CA ALA A 264 14.65 9.92 -7.24
C ALA A 264 13.91 8.76 -6.58
N ARG A 265 12.58 8.69 -6.70
CA ARG A 265 11.87 7.66 -5.95
C ARG A 265 12.33 6.28 -6.38
N GLU A 266 12.43 6.05 -7.68
CA GLU A 266 12.81 4.73 -8.11
C GLU A 266 14.33 4.56 -8.22
N GLU A 267 15.11 5.61 -8.06
CA GLU A 267 16.53 5.36 -7.87
C GLU A 267 16.82 4.89 -6.43
N ILE A 268 16.05 5.39 -5.45
CA ILE A 268 16.13 4.88 -4.09
C ILE A 268 15.74 3.41 -4.04
N HIS A 269 14.51 3.10 -4.46
CA HIS A 269 14.02 1.74 -4.38
C HIS A 269 14.88 0.79 -5.20
N ALA A 270 15.41 1.26 -6.33
CA ALA A 270 16.25 0.37 -7.13
C ALA A 270 17.57 0.08 -6.42
N LEU A 271 18.15 1.09 -5.76
CA LEU A 271 19.39 0.86 -5.02
C LEU A 271 19.15 -0.05 -3.82
N VAL A 272 17.99 0.10 -3.17
CA VAL A 272 17.64 -0.75 -2.03
C VAL A 272 17.51 -2.20 -2.47
N ASP A 273 16.71 -2.46 -3.51
CA ASP A 273 16.58 -3.81 -4.06
C ASP A 273 17.95 -4.38 -4.43
N GLU A 274 18.74 -3.59 -5.16
CA GLU A 274 20.11 -3.99 -5.48
C GLU A 274 20.88 -4.37 -4.22
N MET A 275 20.87 -3.51 -3.20
CA MET A 275 21.54 -3.83 -1.95
C MET A 275 21.06 -5.16 -1.38
N ASN A 276 19.75 -5.38 -1.39
CA ASN A 276 19.23 -6.61 -0.78
C ASN A 276 19.52 -7.87 -1.59
N ARG A 277 19.97 -7.76 -2.83
CA ARG A 277 20.26 -8.96 -3.61
C ARG A 277 21.73 -9.31 -3.61
N VAL A 278 22.56 -8.55 -2.88
CA VAL A 278 23.98 -8.88 -2.76
C VAL A 278 24.17 -10.16 -1.94
N GLY A 279 25.08 -11.02 -2.42
CA GLY A 279 25.42 -12.23 -1.68
C GLY A 279 24.18 -13.07 -1.46
N ASP A 280 24.02 -13.56 -0.24
CA ASP A 280 22.84 -14.35 0.11
C ASP A 280 21.66 -13.50 0.52
N GLY A 281 21.76 -12.18 0.35
CA GLY A 281 20.60 -11.35 0.57
C GLY A 281 20.70 -10.57 1.87
N PHE A 282 20.32 -9.29 1.83
CA PHE A 282 20.22 -8.48 3.02
C PHE A 282 18.79 -7.95 3.10
N ASN A 283 18.49 -7.23 4.17
CA ASN A 283 17.17 -6.64 4.34
C ASN A 283 17.41 -5.22 4.85
N VAL A 284 17.59 -4.30 3.92
CA VAL A 284 17.96 -2.94 4.21
C VAL A 284 16.77 -2.07 3.85
N SER A 285 16.67 -0.91 4.49
CA SER A 285 15.51 -0.04 4.41
C SER A 285 15.83 1.26 3.67
N LYS A 286 14.82 1.77 2.95
CA LYS A 286 14.95 3.08 2.32
C LYS A 286 15.39 4.15 3.32
N ASP A 287 14.97 4.01 4.59
CA ASP A 287 15.39 4.95 5.63
C ASP A 287 16.90 4.95 5.80
N LEU A 288 17.52 3.77 5.74
CA LEU A 288 18.97 3.69 5.84
C LEU A 288 19.63 4.41 4.68
N VAL A 289 19.09 4.23 3.47
CA VAL A 289 19.65 4.87 2.28
C VAL A 289 19.56 6.39 2.38
N LEU A 290 18.47 6.93 2.94
CA LEU A 290 18.38 8.38 3.09
C LEU A 290 19.36 8.88 4.12
N LYS A 291 19.40 8.24 5.30
CA LYS A 291 20.38 8.60 6.32
C LYS A 291 21.80 8.56 5.74
N ALA A 292 22.08 7.53 4.94
CA ALA A 292 23.41 7.40 4.34
C ALA A 292 23.71 8.58 3.42
N GLY A 293 22.71 8.97 2.62
CA GLY A 293 22.83 10.21 1.87
C GLY A 293 23.27 11.37 2.73
N LEU A 294 22.65 11.54 3.91
CA LEU A 294 23.03 12.70 4.72
C LEU A 294 24.46 12.57 5.22
N MET A 295 24.85 11.37 5.67
CA MET A 295 26.19 11.20 6.21
C MET A 295 27.26 11.33 5.13
N LEU A 296 27.06 10.68 3.97
CA LEU A 296 28.08 10.63 2.94
C LEU A 296 28.27 11.96 2.23
N SER A 297 27.26 12.82 2.24
CA SER A 297 27.36 14.17 1.72
C SER A 297 27.75 15.18 2.78
N ASP A 298 28.22 14.73 3.94
CA ASP A 298 28.81 15.61 4.95
C ASP A 298 27.84 16.69 5.45
N ILE A 299 26.53 16.44 5.41
CA ILE A 299 25.60 17.33 6.09
C ILE A 299 25.89 17.30 7.58
N GLY A 300 25.86 18.48 8.22
CA GLY A 300 26.20 18.56 9.64
C GLY A 300 25.40 17.62 10.52
N SER A 301 24.09 17.52 10.27
CA SER A 301 23.22 16.61 11.00
C SER A 301 22.91 15.40 10.15
N VAL A 302 22.92 14.22 10.75
CA VAL A 302 22.47 13.03 10.06
C VAL A 302 21.17 12.52 10.64
N GLY A 303 20.54 13.31 11.49
CA GLY A 303 19.23 13.00 12.01
C GLY A 303 18.25 12.70 10.90
N PHE A 304 17.51 11.60 11.07
CA PHE A 304 16.45 11.25 10.13
C PHE A 304 15.22 12.12 10.40
N LYS A 305 15.42 13.43 10.27
CA LYS A 305 14.41 14.43 10.56
C LYS A 305 14.07 15.22 9.30
N VAL A 306 12.79 15.61 9.16
CA VAL A 306 12.32 16.31 7.97
C VAL A 306 13.12 17.60 7.75
N GLU A 307 13.54 18.27 8.83
CA GLU A 307 14.28 19.51 8.66
C GLU A 307 15.59 19.32 7.90
N ASN A 308 16.14 18.11 7.88
CA ASN A 308 17.39 17.89 7.16
C ASN A 308 17.17 17.61 5.69
N PHE A 309 15.92 17.60 5.23
CA PHE A 309 15.62 17.32 3.84
C PHE A 309 15.04 18.54 3.12
N ASN A 310 15.48 19.73 3.53
CA ASN A 310 15.28 20.94 2.75
C ASN A 310 15.97 20.82 1.40
N LYS A 311 15.67 21.78 0.51
CA LYS A 311 16.12 21.64 -0.86
C LYS A 311 17.62 21.90 -1.01
N GLU A 312 18.25 22.61 -0.06
CA GLU A 312 19.69 22.79 -0.11
C GLU A 312 20.42 21.47 0.12
N ASN A 313 20.00 20.70 1.13
CA ASN A 313 20.60 19.40 1.36
C ASN A 313 20.30 18.43 0.23
N MET A 314 19.07 18.43 -0.27
CA MET A 314 18.72 17.48 -1.32
C MET A 314 19.44 17.81 -2.63
N ALA A 315 19.79 19.09 -2.82
CA ALA A 315 20.63 19.46 -3.96
C ALA A 315 22.00 18.82 -3.85
N ILE A 316 22.60 18.89 -2.66
CA ILE A 316 23.92 18.30 -2.43
C ILE A 316 23.87 16.79 -2.64
N LEU A 317 22.78 16.13 -2.18
CA LEU A 317 22.66 14.68 -2.35
C LEU A 317 22.56 14.29 -3.81
N GLU A 318 21.77 15.03 -4.60
CA GLU A 318 21.56 14.67 -5.99
C GLU A 318 22.86 14.73 -6.77
N LYS A 319 23.67 15.76 -6.49
CA LYS A 319 24.97 15.89 -7.13
C LYS A 319 25.85 14.68 -6.85
N ASN A 320 25.86 14.21 -5.60
CA ASN A 320 26.74 13.13 -5.17
C ASN A 320 26.04 11.78 -5.19
N TRP A 321 24.93 11.66 -5.91
CA TRP A 321 24.17 10.42 -5.84
C TRP A 321 24.97 9.23 -6.37
N THR A 322 25.65 9.40 -7.51
CA THR A 322 26.34 8.23 -8.07
C THR A 322 27.44 7.73 -7.15
N PRO A 323 28.41 8.55 -6.72
CA PRO A 323 29.38 8.07 -5.73
C PRO A 323 28.75 7.56 -4.45
N ILE A 324 27.52 7.97 -4.13
CA ILE A 324 26.94 7.56 -2.86
C ILE A 324 26.30 6.19 -2.97
N ARG A 325 25.54 5.95 -4.03
CA ARG A 325 25.03 4.62 -4.26
C ARG A 325 26.17 3.64 -4.56
N ASP A 326 27.22 4.08 -5.25
CA ASP A 326 28.41 3.25 -5.44
C ASP A 326 28.94 2.74 -4.11
N ALA A 327 29.18 3.68 -3.17
CA ALA A 327 29.75 3.33 -1.87
C ALA A 327 28.82 2.40 -1.09
N LEU A 328 27.51 2.62 -1.20
CA LEU A 328 26.58 1.81 -0.44
C LEU A 328 26.56 0.38 -0.95
N LEU A 329 26.52 0.19 -2.27
CA LEU A 329 26.57 -1.16 -2.82
C LEU A 329 27.90 -1.83 -2.54
N LEU A 330 29.00 -1.07 -2.57
CA LEU A 330 30.29 -1.67 -2.26
C LEU A 330 30.36 -2.11 -0.81
N SER A 331 29.70 -1.37 0.10
CA SER A 331 29.68 -1.75 1.50
C SER A 331 28.89 -3.04 1.72
N MET A 332 27.77 -3.21 1.00
CA MET A 332 27.07 -4.50 1.08
C MET A 332 27.95 -5.65 0.57
N GLN A 333 28.67 -5.45 -0.54
CA GLN A 333 29.52 -6.50 -1.09
C GLN A 333 30.66 -6.83 -0.12
N LEU A 334 31.23 -5.83 0.53
CA LEU A 334 32.21 -6.10 1.58
C LEU A 334 31.60 -6.94 2.72
N LEU A 335 30.36 -6.61 3.16
CA LEU A 335 29.75 -7.37 4.25
C LEU A 335 29.51 -8.81 3.84
N ALA A 336 29.06 -9.03 2.61
CA ALA A 336 28.85 -10.41 2.17
C ALA A 336 30.17 -11.16 2.10
N SER A 337 31.26 -10.49 1.74
CA SER A 337 32.57 -11.14 1.73
C SER A 337 33.02 -11.55 3.12
N PHE A 338 32.37 -11.06 4.16
CA PHE A 338 32.64 -11.43 5.54
C PHE A 338 31.73 -12.56 6.01
N GLY A 339 30.76 -12.96 5.20
CA GLY A 339 29.79 -13.96 5.58
C GLY A 339 28.50 -13.43 6.14
N PHE A 340 28.29 -12.12 6.12
CA PHE A 340 27.05 -11.56 6.65
C PHE A 340 25.93 -11.65 5.64
N ASN A 341 24.71 -11.77 6.15
CA ASN A 341 23.49 -11.68 5.36
C ASN A 341 22.40 -11.10 6.25
N ALA A 342 21.16 -11.11 5.75
CA ALA A 342 20.03 -10.50 6.45
C ALA A 342 19.81 -11.12 7.82
N GLN A 343 20.09 -12.43 7.97
CA GLN A 343 19.78 -13.15 9.20
C GLN A 343 20.83 -12.95 10.29
N ASN A 344 22.11 -12.82 9.95
CA ASN A 344 23.12 -12.72 10.98
C ASN A 344 23.69 -11.31 11.14
N LEU A 345 23.26 -10.34 10.34
CA LEU A 345 23.66 -8.95 10.55
C LEU A 345 22.64 -8.29 11.49
N ARG A 346 23.03 -8.11 12.75
CA ARG A 346 22.09 -7.62 13.75
C ARG A 346 21.87 -6.12 13.67
N ALA A 347 22.87 -5.35 13.27
CA ALA A 347 22.76 -3.89 13.31
C ALA A 347 23.09 -3.37 11.93
N THR A 348 22.06 -2.98 11.17
CA THR A 348 22.34 -2.46 9.83
C THR A 348 22.91 -1.06 9.87
N SER A 349 22.80 -0.36 11.01
CA SER A 349 23.40 0.96 11.10
C SER A 349 24.91 0.90 10.94
N ALA A 350 25.53 -0.26 11.23
CA ALA A 350 26.97 -0.40 11.08
C ALA A 350 27.41 -0.15 9.64
N ILE A 351 26.49 -0.28 8.69
CA ILE A 351 26.78 0.01 7.29
C ILE A 351 27.21 1.46 7.11
N LEU A 352 26.68 2.39 7.92
CA LEU A 352 26.91 3.80 7.64
C LEU A 352 28.39 4.16 7.72
N PRO A 353 29.12 3.86 8.79
CA PRO A 353 30.55 4.21 8.78
C PRO A 353 31.34 3.41 7.75
N LEU A 354 31.02 2.13 7.52
CA LEU A 354 31.60 1.42 6.40
C LEU A 354 31.46 2.21 5.10
N ALA A 355 30.21 2.53 4.74
CA ALA A 355 29.97 3.25 3.50
C ALA A 355 30.68 4.61 3.50
N TYR A 356 30.67 5.30 4.64
CA TYR A 356 31.43 6.55 4.67
C TYR A 356 32.88 6.30 4.29
N TYR A 357 33.53 5.37 4.99
CA TYR A 357 34.92 5.04 4.70
C TYR A 357 35.11 4.69 3.23
N LEU A 358 34.30 3.76 2.71
CA LEU A 358 34.49 3.35 1.32
C LEU A 358 34.31 4.52 0.39
N HIS A 359 33.36 5.40 0.69
CA HIS A 359 33.15 6.57 -0.14
C HIS A 359 34.28 7.58 0.02
N HIS A 360 34.76 7.78 1.25
CA HIS A 360 35.86 8.70 1.50
C HIS A 360 37.12 8.38 0.67
N ARG A 361 37.57 7.13 0.71
CA ARG A 361 38.70 6.67 -0.10
C ARG A 361 38.33 6.39 -1.55
N LYS A 362 37.07 6.63 -1.93
CA LYS A 362 36.64 6.41 -3.30
C LYS A 362 37.06 5.04 -3.82
N LEU A 363 36.89 4.02 -2.98
CA LEU A 363 37.24 2.67 -3.32
C LEU A 363 36.19 2.07 -4.24
N THR A 364 36.62 1.08 -5.01
CA THR A 364 35.74 0.40 -5.95
C THR A 364 35.80 -1.10 -5.68
N ALA A 365 35.25 -1.89 -6.61
CA ALA A 365 35.13 -3.33 -6.40
C ALA A 365 36.49 -4.02 -6.25
N SER A 366 37.55 -3.48 -6.85
CA SER A 366 38.85 -4.10 -6.66
C SER A 366 39.31 -4.03 -5.21
N TYR A 367 38.61 -3.27 -4.36
CA TYR A 367 38.95 -3.25 -2.95
C TYR A 367 38.70 -4.61 -2.31
N LEU A 368 37.76 -5.39 -2.85
CA LEU A 368 37.49 -6.71 -2.31
C LEU A 368 38.63 -7.71 -2.55
N SER A 369 39.35 -7.60 -3.67
CA SER A 369 40.28 -8.67 -4.08
C SER A 369 41.75 -8.30 -3.98
N ARG A 370 42.18 -7.13 -4.47
CA ARG A 370 43.60 -6.82 -4.49
C ARG A 370 44.25 -7.02 -3.13
N VAL A 371 45.47 -7.56 -3.14
CA VAL A 371 46.13 -7.92 -1.89
C VAL A 371 46.65 -6.70 -1.13
N GLU A 372 46.86 -5.57 -1.81
CA GLU A 372 47.30 -4.38 -1.06
C GLU A 372 46.32 -3.98 0.03
N TYR A 373 45.06 -4.40 -0.08
CA TYR A 373 44.03 -4.03 0.88
C TYR A 373 43.78 -5.10 1.92
N ALA A 374 44.45 -6.25 1.80
CA ALA A 374 44.09 -7.41 2.61
C ALA A 374 44.16 -7.07 4.09
N VAL A 375 45.19 -6.34 4.51
CA VAL A 375 45.32 -5.99 5.92
C VAL A 375 44.19 -5.05 6.34
N ASP A 376 43.85 -4.09 5.47
CA ASP A 376 42.84 -3.09 5.80
C ASP A 376 41.45 -3.72 5.91
N ARG A 377 41.08 -4.56 4.92
CA ARG A 377 39.82 -5.29 4.98
C ARG A 377 39.72 -6.13 6.26
N GLU A 378 40.83 -6.74 6.68
CA GLU A 378 40.75 -7.56 7.87
C GLU A 378 40.64 -6.70 9.12
N CYS A 379 41.23 -5.51 9.12
CA CYS A 379 41.05 -4.61 10.25
C CYS A 379 39.59 -4.16 10.37
N ILE A 380 38.94 -3.84 9.23
CA ILE A 380 37.52 -3.52 9.23
C ILE A 380 36.70 -4.69 9.77
N ARG A 381 36.90 -5.89 9.19
CA ARG A 381 36.14 -7.07 9.62
C ARG A 381 36.29 -7.30 11.12
N ASN A 382 37.49 -7.14 11.63
CA ASN A 382 37.76 -7.36 13.05
C ASN A 382 36.99 -6.35 13.91
N TRP A 383 37.06 -5.06 13.55
CA TRP A 383 36.37 -4.01 14.29
C TRP A 383 34.86 -4.20 14.24
N LEU A 384 34.32 -4.45 13.06
CA LEU A 384 32.89 -4.65 12.90
C LEU A 384 32.38 -5.81 13.75
N ILE A 385 33.07 -6.97 13.69
CA ILE A 385 32.63 -8.12 14.48
C ILE A 385 32.62 -7.80 15.96
N ARG A 386 33.66 -7.13 16.45
CA ARG A 386 33.69 -6.79 17.87
C ARG A 386 32.53 -5.88 18.23
N SER A 387 32.17 -4.96 17.34
CA SER A 387 31.04 -4.08 17.61
C SER A 387 29.72 -4.84 17.60
N LEU A 388 29.62 -5.92 16.82
CA LEU A 388 28.42 -6.73 16.80
C LEU A 388 28.39 -7.78 17.90
N LEU A 389 29.50 -8.03 18.56
CA LEU A 389 29.53 -9.03 19.60
C LEU A 389 28.97 -8.49 20.91
N LYS A 390 28.95 -7.17 21.10
CA LYS A 390 28.22 -6.58 22.23
C LYS A 390 26.73 -6.90 22.13
N ALA A 391 26.17 -7.42 23.21
CA ALA A 391 24.74 -7.78 23.17
C ALA A 391 23.87 -6.56 22.85
N SER A 392 24.24 -5.39 23.33
CA SER A 392 23.54 -4.15 22.98
C SER A 392 24.44 -2.99 23.38
N GLY A 393 23.93 -1.77 23.16
CA GLY A 393 24.60 -0.57 23.61
C GLY A 393 25.64 0.02 22.67
N ILE A 394 25.69 -0.42 21.42
CA ILE A 394 26.61 0.16 20.45
C ILE A 394 25.86 0.85 19.32
N TRP A 395 24.98 0.11 18.63
CA TRP A 395 24.33 0.61 17.42
C TRP A 395 22.89 1.06 17.67
N GLY A 396 22.43 1.03 18.92
CA GLY A 396 21.11 1.53 19.29
C GLY A 396 21.09 3.02 19.61
N SER A 397 20.66 3.38 20.82
CA SER A 397 20.61 4.79 21.22
C SER A 397 21.98 5.44 21.10
N GLY A 398 21.98 6.77 20.91
CA GLY A 398 23.21 7.50 20.80
C GLY A 398 23.85 7.47 19.43
N LEU A 399 23.20 6.83 18.45
CA LEU A 399 23.82 6.55 17.17
C LEU A 399 24.26 7.81 16.44
N ASP A 400 23.40 8.84 16.41
CA ASP A 400 23.66 10.01 15.57
C ASP A 400 24.91 10.75 15.99
N THR A 401 25.18 10.84 17.30
CA THR A 401 26.40 11.53 17.71
C THR A 401 27.62 10.67 17.45
N LEU A 402 27.48 9.35 17.64
CA LEU A 402 28.54 8.42 17.27
C LEU A 402 28.87 8.55 15.79
N LEU A 403 27.85 8.61 14.93
CA LEU A 403 28.09 8.64 13.50
C LEU A 403 28.87 9.89 13.11
N THR A 404 28.47 11.07 13.60
CA THR A 404 29.17 12.27 13.16
C THR A 404 30.61 12.28 13.68
N MET A 405 30.87 11.70 14.84
CA MET A 405 32.24 11.60 15.32
C MET A 405 33.05 10.55 14.57
N LEU A 406 32.44 9.39 14.26
CA LEU A 406 33.12 8.41 13.42
C LEU A 406 33.48 9.00 12.08
N ARG A 407 32.62 9.89 11.56
CA ARG A 407 32.88 10.54 10.30
C ARG A 407 34.11 11.44 10.35
N SER A 408 34.23 12.25 11.42
CA SER A 408 35.41 13.09 11.53
C SER A 408 36.68 12.24 11.61
N ASP A 409 36.63 11.12 12.36
CA ASP A 409 37.75 10.19 12.48
C ASP A 409 38.16 9.62 11.12
N ILE A 410 37.18 9.18 10.33
CA ILE A 410 37.49 8.67 9.00
C ILE A 410 38.03 9.79 8.11
N LYS A 411 37.44 10.99 8.21
CA LYS A 411 37.84 12.10 7.35
C LYS A 411 39.27 12.54 7.61
N GLN A 412 39.70 12.55 8.87
CA GLN A 412 41.09 12.88 9.19
C GLN A 412 42.06 11.77 8.74
N SER A 413 41.62 10.52 8.68
CA SER A 413 42.52 9.43 8.32
C SER A 413 43.07 9.53 6.91
N GLY A 414 42.64 10.51 6.11
CA GLY A 414 43.21 10.65 4.79
C GLY A 414 43.14 9.39 3.96
N ASP A 415 44.30 8.84 3.60
CA ASP A 415 44.38 7.67 2.74
C ASP A 415 45.15 6.53 3.39
N THR A 416 45.52 6.66 4.66
CA THR A 416 46.37 5.66 5.31
C THR A 416 45.63 4.37 5.62
N GLY A 417 44.31 4.40 5.67
CA GLY A 417 43.51 3.22 5.94
C GLY A 417 42.60 3.43 7.14
N PHE A 418 41.77 2.43 7.38
CA PHE A 418 40.76 2.48 8.43
C PHE A 418 41.38 2.91 9.76
N PRO A 419 40.93 4.01 10.37
CA PRO A 419 41.61 4.59 11.56
C PRO A 419 41.19 3.93 12.87
N LEU A 420 41.64 2.69 13.04
CA LEU A 420 41.07 1.82 14.08
C LEU A 420 41.28 2.39 15.48
N ALA A 421 42.50 2.84 15.78
CA ALA A 421 42.78 3.29 17.14
C ALA A 421 41.94 4.49 17.49
N LYS A 422 41.75 5.41 16.54
CA LYS A 422 41.03 6.63 16.86
C LYS A 422 39.54 6.37 16.92
N ILE A 423 39.05 5.45 16.09
CA ILE A 423 37.65 5.04 16.15
C ILE A 423 37.33 4.44 17.51
N GLU A 424 38.25 3.64 18.05
CA GLU A 424 37.97 2.99 19.33
C GLU A 424 38.09 3.95 20.49
N ALA A 425 38.97 4.95 20.39
CA ALA A 425 38.98 6.02 21.38
C ALA A 425 37.66 6.77 21.37
N THR A 426 37.20 7.15 20.17
CA THR A 426 35.91 7.81 20.01
C THR A 426 34.77 6.98 20.60
N MET A 427 34.73 5.68 20.29
CA MET A 427 33.65 4.86 20.82
C MET A 427 33.73 4.79 22.34
N GLN A 428 34.94 4.82 22.90
CA GLN A 428 35.09 4.76 24.35
C GLN A 428 34.55 6.01 25.03
N GLN A 429 34.85 7.20 24.47
CA GLN A 429 34.37 8.42 25.09
C GLN A 429 32.87 8.59 24.92
N ARG A 430 32.25 7.85 24.00
CA ARG A 430 30.79 7.84 23.87
C ARG A 430 30.12 6.81 24.77
N GLY A 431 30.87 6.16 25.67
CA GLY A 431 30.26 5.13 26.48
C GLY A 431 29.94 3.86 25.71
N LYS A 432 30.70 3.59 24.66
CA LYS A 432 30.47 2.47 23.75
C LYS A 432 31.78 1.73 23.51
N SER A 433 32.47 1.39 24.60
CA SER A 433 33.77 0.77 24.45
C SER A 433 33.67 -0.61 23.82
N LEU A 434 34.64 -0.94 22.98
CA LEU A 434 34.76 -2.30 22.49
C LEU A 434 35.52 -3.20 23.47
N ARG A 435 35.80 -2.72 24.68
CA ARG A 435 36.40 -3.53 25.73
C ARG A 435 35.30 -4.34 26.41
N PHE A 436 35.53 -5.65 26.53
CA PHE A 436 34.56 -6.57 27.12
C PHE A 436 35.04 -6.92 28.52
N ASP A 437 34.13 -6.92 29.47
CA ASP A 437 34.53 -7.26 30.83
C ASP A 437 34.34 -8.75 31.05
N PRO A 438 34.84 -9.25 32.20
CA PRO A 438 34.83 -10.70 32.42
C PRO A 438 33.47 -11.37 32.22
N GLU A 439 32.37 -10.71 32.62
CA GLU A 439 31.08 -11.36 32.50
C GLU A 439 30.58 -11.41 31.06
N GLU A 440 30.90 -10.38 30.25
CA GLU A 440 30.64 -10.47 28.83
C GLU A 440 31.45 -11.58 28.16
N ILE A 441 32.72 -11.75 28.55
CA ILE A 441 33.50 -12.85 27.98
C ILE A 441 32.84 -14.19 28.29
N SER A 442 32.35 -14.36 29.53
CA SER A 442 31.72 -15.63 29.88
C SER A 442 30.43 -15.84 29.12
N GLU A 443 29.69 -14.77 28.84
CA GLU A 443 28.47 -14.94 28.06
C GLU A 443 28.80 -15.32 26.61
N LEU A 444 29.88 -14.76 26.04
CA LEU A 444 30.29 -15.15 24.69
C LEU A 444 30.70 -16.61 24.64
N ALA A 445 31.33 -17.10 25.71
CA ALA A 445 31.76 -18.49 25.68
C ALA A 445 30.61 -19.48 25.79
N GLN A 446 29.35 -19.06 25.79
CA GLN A 446 28.27 -20.04 25.78
C GLN A 446 27.15 -19.65 24.82
N LEU A 447 27.47 -18.92 23.76
CA LEU A 447 26.44 -18.56 22.78
C LEU A 447 25.85 -19.82 22.18
N ASP A 448 24.60 -19.72 21.76
CA ASP A 448 23.85 -20.84 21.20
C ASP A 448 24.11 -20.97 19.71
N TYR A 449 24.04 -22.21 19.23
CA TYR A 449 23.86 -22.46 17.81
C TYR A 449 22.66 -21.67 17.28
N GLY A 450 22.88 -20.89 16.21
CA GLY A 450 21.83 -20.10 15.57
C GLY A 450 21.76 -18.64 15.99
N ASN A 451 22.19 -18.33 17.21
CA ASN A 451 22.35 -16.94 17.63
C ASN A 451 23.24 -16.20 16.61
N PRO A 452 22.80 -15.06 16.08
CA PRO A 452 23.62 -14.36 15.07
C PRO A 452 25.01 -14.01 15.55
N ARG A 453 25.23 -13.93 16.86
CA ARG A 453 26.55 -13.59 17.34
C ARG A 453 27.49 -14.80 17.32
N THR A 454 26.94 -16.01 17.29
CA THR A 454 27.78 -17.21 17.32
C THR A 454 28.63 -17.32 16.06
N PHE A 455 28.00 -17.17 14.89
CA PHE A 455 28.76 -17.23 13.66
C PHE A 455 29.85 -16.15 13.65
N ALA A 456 29.49 -14.93 14.05
CA ALA A 456 30.46 -13.84 14.06
C ALA A 456 31.65 -14.15 14.96
N LEU A 457 31.38 -14.62 16.18
CA LEU A 457 32.46 -14.95 17.10
C LEU A 457 33.36 -16.04 16.53
N LEU A 458 32.77 -17.06 15.90
CA LEU A 458 33.59 -18.14 15.36
C LEU A 458 34.47 -17.65 14.22
N THR A 459 33.93 -16.82 13.31
CA THR A 459 34.80 -16.32 12.25
C THR A 459 35.90 -15.45 12.81
N LEU A 460 35.70 -14.87 13.99
CA LEU A 460 36.77 -14.13 14.63
C LEU A 460 37.82 -15.06 15.20
N LEU A 461 37.40 -16.14 15.85
CA LEU A 461 38.32 -17.06 16.51
C LEU A 461 39.01 -18.02 15.55
N PHE A 462 38.42 -18.29 14.38
CA PHE A 462 38.93 -19.21 13.37
C PHE A 462 38.94 -18.54 12.01
N PRO A 463 39.83 -17.58 11.77
CA PRO A 463 39.93 -17.00 10.43
C PRO A 463 40.60 -17.98 9.47
N GLY A 464 40.56 -17.64 8.20
CA GLY A 464 41.26 -18.40 7.18
C GLY A 464 40.36 -19.05 6.15
N PHE A 465 39.08 -19.17 6.43
CA PHE A 465 38.18 -19.62 5.38
C PHE A 465 37.95 -18.49 4.36
N ASP A 466 37.23 -18.83 3.31
CA ASP A 466 36.83 -17.89 2.27
C ASP A 466 35.37 -17.51 2.53
N PHE A 467 35.18 -16.60 3.51
CA PHE A 467 33.84 -16.39 4.03
C PHE A 467 32.82 -15.94 2.98
N SER A 468 33.25 -15.61 1.76
CA SER A 468 32.31 -15.33 0.67
C SER A 468 31.86 -16.59 -0.05
N ARG A 469 32.62 -17.69 0.01
CA ARG A 469 32.15 -18.99 -0.43
C ARG A 469 31.34 -19.65 0.70
N HIS A 470 30.66 -20.75 0.36
CA HIS A 470 29.80 -21.44 1.31
C HIS A 470 30.58 -21.94 2.52
N PHE A 471 29.99 -21.75 3.70
CA PHE A 471 30.49 -22.33 4.95
C PHE A 471 29.31 -22.32 5.92
N HIS A 472 29.48 -22.99 7.04
CA HIS A 472 28.39 -23.05 8.01
C HIS A 472 28.96 -23.37 9.38
N VAL A 473 28.11 -23.25 10.39
CA VAL A 473 28.43 -23.67 11.75
C VAL A 473 27.93 -25.10 11.93
N ASP A 474 28.72 -25.93 12.59
CA ASP A 474 28.34 -27.32 12.78
C ASP A 474 28.62 -27.74 14.22
N HIS A 475 27.87 -28.72 14.70
CA HIS A 475 28.14 -29.29 16.01
C HIS A 475 29.28 -30.30 15.91
N ILE A 476 30.20 -30.28 16.89
CA ILE A 476 31.30 -31.24 16.91
C ILE A 476 30.80 -32.63 17.27
N TYR A 477 30.13 -32.77 18.41
CA TYR A 477 29.33 -33.95 18.67
C TYR A 477 27.94 -33.69 18.10
N PRO A 478 27.51 -34.39 17.06
CA PRO A 478 26.32 -33.97 16.31
C PRO A 478 25.12 -33.77 17.23
N LYS A 479 24.29 -32.79 16.86
CA LYS A 479 23.17 -32.40 17.71
C LYS A 479 22.15 -33.53 17.90
N GLY A 480 22.02 -34.41 16.91
CA GLY A 480 20.99 -35.44 16.96
C GLY A 480 21.21 -36.49 18.02
N LEU A 481 22.46 -36.85 18.29
CA LEU A 481 22.78 -37.75 19.39
C LEU A 481 22.19 -37.31 20.73
N PHE A 482 21.71 -36.08 20.87
CA PHE A 482 21.43 -35.59 22.21
C PHE A 482 19.93 -35.51 22.52
N THR A 483 19.21 -36.61 22.34
CA THR A 483 17.83 -36.72 22.80
C THR A 483 17.78 -37.45 24.13
N ARG A 484 16.73 -37.15 24.92
CA ARG A 484 16.73 -37.66 26.29
C ARG A 484 16.59 -39.18 26.35
N ASN A 485 15.87 -39.79 25.40
CA ASN A 485 15.88 -41.24 25.33
C ASN A 485 17.28 -41.77 24.97
N LYS A 486 17.90 -41.20 23.93
CA LYS A 486 19.21 -41.69 23.48
C LYS A 486 20.26 -41.58 24.58
N LEU A 487 20.16 -40.54 25.42
CA LEU A 487 21.21 -40.25 26.39
C LEU A 487 21.16 -41.22 27.58
N ALA A 488 19.96 -41.39 28.17
CA ALA A 488 19.81 -42.31 29.30
C ALA A 488 20.33 -43.70 28.94
N LYS A 489 20.27 -44.05 27.64
CA LYS A 489 20.66 -45.38 27.18
C LYS A 489 22.16 -45.57 27.19
N VAL A 490 22.94 -44.53 26.85
CA VAL A 490 24.38 -44.58 27.06
C VAL A 490 24.71 -44.44 28.55
N GLY A 491 23.68 -44.37 29.41
CA GLY A 491 23.85 -44.37 30.84
C GLY A 491 24.28 -43.06 31.45
N VAL A 492 23.63 -41.96 31.07
CA VAL A 492 23.92 -40.68 31.71
C VAL A 492 22.95 -40.50 32.88
N PRO A 493 23.44 -40.12 34.06
CA PRO A 493 22.57 -39.97 35.23
C PRO A 493 21.37 -39.07 34.95
N ALA A 494 20.26 -39.35 35.65
CA ALA A 494 19.05 -38.57 35.45
C ALA A 494 19.28 -37.09 35.70
N GLU A 495 20.04 -36.77 36.76
CA GLU A 495 20.28 -35.38 37.11
C GLU A 495 20.94 -34.61 35.97
N GLN A 496 21.95 -35.22 35.32
CA GLN A 496 22.76 -34.50 34.35
C GLN A 496 22.12 -34.39 32.97
N LEU A 497 21.17 -35.25 32.63
CA LEU A 497 20.70 -35.33 31.24
C LEU A 497 20.49 -33.96 30.60
N ASP A 498 19.74 -33.08 31.25
CA ASP A 498 19.41 -31.83 30.59
C ASP A 498 20.52 -30.78 30.71
N GLU A 499 21.51 -31.01 31.58
CA GLU A 499 22.72 -30.19 31.48
C GLU A 499 23.49 -30.51 30.21
N LEU A 500 23.50 -31.78 29.80
CA LEU A 500 24.25 -32.18 28.62
C LEU A 500 23.50 -31.81 27.34
N ILE A 501 22.17 -31.95 27.33
CA ILE A 501 21.40 -31.47 26.19
C ILE A 501 21.66 -29.98 25.96
N GLU A 502 21.48 -29.18 27.01
CA GLU A 502 21.76 -27.75 27.01
C GLU A 502 23.13 -27.43 26.40
N ALA A 503 24.18 -27.94 27.03
CA ALA A 503 25.53 -27.65 26.59
C ALA A 503 25.81 -28.13 25.18
N SER A 504 25.04 -29.10 24.68
CA SER A 504 25.31 -29.62 23.34
C SER A 504 25.02 -28.59 22.26
N ASN A 505 24.21 -27.58 22.55
CA ASN A 505 23.88 -26.57 21.55
C ASN A 505 24.76 -25.32 21.65
N LYS A 506 25.76 -25.30 22.52
CA LYS A 506 26.51 -24.10 22.82
C LYS A 506 27.94 -24.15 22.26
N LEU A 507 28.57 -22.97 22.30
CA LEU A 507 29.79 -22.70 21.55
C LEU A 507 30.89 -23.75 21.72
N PRO A 508 31.15 -24.29 22.91
CA PRO A 508 32.21 -25.32 23.02
C PRO A 508 31.95 -26.59 22.23
N ASN A 509 30.76 -26.76 21.65
CA ASN A 509 30.47 -27.88 20.76
C ASN A 509 30.26 -27.40 19.31
N LEU A 510 30.72 -26.20 19.00
CA LEU A 510 30.46 -25.59 17.69
C LEU A 510 31.77 -25.39 16.94
N GLN A 511 31.71 -25.53 15.62
CA GLN A 511 32.86 -25.31 14.76
C GLN A 511 32.41 -24.71 13.46
N LEU A 512 33.36 -24.08 12.76
CA LEU A 512 33.17 -23.57 11.40
C LEU A 512 33.68 -24.60 10.41
N LEU A 513 32.89 -24.90 9.39
CA LEU A 513 33.31 -25.82 8.33
C LEU A 513 33.01 -25.22 6.96
N GLU A 514 33.90 -25.49 6.02
CA GLU A 514 33.69 -25.13 4.63
C GLU A 514 32.59 -25.99 4.02
N GLY A 515 31.96 -25.46 2.98
CA GLY A 515 30.91 -26.18 2.30
C GLY A 515 29.59 -26.03 3.02
N THR A 516 28.69 -26.94 2.69
CA THR A 516 27.36 -27.00 3.28
C THR A 516 27.26 -28.20 4.21
N ILE A 517 26.10 -28.33 4.87
CA ILE A 517 25.92 -29.38 5.86
C ILE A 517 26.31 -30.72 5.28
N ASN A 518 27.15 -31.45 6.02
CA ASN A 518 27.59 -32.79 5.62
C ASN A 518 26.78 -33.81 6.42
N ASN A 519 25.86 -34.49 5.74
CA ASN A 519 24.96 -35.38 6.46
C ASN A 519 25.61 -36.69 6.90
N GLN A 520 26.74 -37.08 6.30
CA GLN A 520 27.44 -38.25 6.82
C GLN A 520 28.23 -37.91 8.09
N LYS A 521 28.80 -36.70 8.18
CA LYS A 521 29.47 -36.28 9.40
C LYS A 521 28.50 -36.22 10.59
N ARG A 522 27.25 -35.84 10.34
CA ARG A 522 26.26 -35.67 11.39
C ARG A 522 25.71 -36.99 11.93
N GLN A 523 26.11 -38.13 11.36
CA GLN A 523 25.68 -39.45 11.83
C GLN A 523 26.77 -40.20 12.57
N LYS A 524 27.88 -39.56 12.91
CA LYS A 524 29.02 -40.26 13.48
C LYS A 524 29.49 -39.55 14.74
N MET A 525 30.08 -40.32 15.64
CA MET A 525 30.82 -39.70 16.72
C MET A 525 32.02 -38.93 16.17
N PRO A 526 32.35 -37.77 16.72
CA PRO A 526 33.48 -37.00 16.16
C PRO A 526 34.76 -37.80 15.97
N HIS A 527 35.21 -38.54 16.98
CA HIS A 527 36.45 -39.30 16.82
C HIS A 527 36.37 -40.28 15.66
N GLU A 528 35.18 -40.82 15.36
CA GLU A 528 35.05 -41.69 14.21
C GLU A 528 35.20 -40.91 12.91
N TRP A 529 34.47 -39.80 12.80
CA TRP A 529 34.59 -38.90 11.64
C TRP A 529 36.05 -38.54 11.35
N TYR A 530 36.78 -38.11 12.37
CA TYR A 530 38.11 -37.57 12.15
C TYR A 530 39.14 -38.65 11.89
N ALA A 531 38.98 -39.83 12.52
CA ALA A 531 39.85 -40.97 12.19
C ALA A 531 39.62 -41.44 10.77
N GLN A 532 38.38 -41.36 10.29
CA GLN A 532 38.12 -41.76 8.93
C GLN A 532 38.63 -40.71 7.94
N GLN A 533 38.56 -39.42 8.31
CA GLN A 533 38.97 -38.37 7.39
C GLN A 533 40.47 -38.13 7.43
N TRP A 534 41.09 -38.34 8.57
CA TRP A 534 42.51 -38.04 8.78
C TRP A 534 43.17 -39.33 9.25
N PRO A 535 43.38 -40.28 8.33
CA PRO A 535 43.97 -41.57 8.75
C PRO A 535 45.30 -41.42 9.48
N ASP A 536 46.14 -40.48 9.08
CA ASP A 536 47.42 -40.25 9.74
C ASP A 536 47.21 -39.49 11.05
N VAL A 537 47.53 -40.14 12.16
CA VAL A 537 47.19 -39.58 13.47
C VAL A 537 47.88 -38.24 13.73
N ASN A 538 49.01 -37.96 13.09
CA ASN A 538 49.72 -36.71 13.34
C ASN A 538 49.11 -35.55 12.55
N ALA A 539 48.75 -35.76 11.29
CA ALA A 539 47.97 -34.75 10.59
C ALA A 539 46.62 -34.54 11.28
N ARG A 540 46.07 -35.59 11.89
CA ARG A 540 44.78 -35.46 12.57
C ARG A 540 44.90 -34.56 13.79
N GLN A 541 45.90 -34.80 14.64
CA GLN A 541 46.13 -33.95 15.80
C GLN A 541 46.36 -32.50 15.37
N ALA A 542 47.08 -32.28 14.26
CA ALA A 542 47.30 -30.92 13.78
C ALA A 542 45.98 -30.24 13.41
N HIS A 543 45.07 -30.99 12.76
CA HIS A 543 43.82 -30.41 12.31
C HIS A 543 42.83 -30.23 13.45
N LEU A 544 42.81 -31.16 14.41
CA LEU A 544 41.97 -30.92 15.57
C LEU A 544 42.47 -29.70 16.34
N GLN A 545 43.79 -29.54 16.41
CA GLN A 545 44.37 -28.42 17.15
C GLN A 545 43.93 -27.08 16.56
N SER A 546 43.88 -26.99 15.23
CA SER A 546 43.45 -25.75 14.57
C SER A 546 42.01 -25.36 14.92
N GLN A 547 41.21 -26.30 15.41
CA GLN A 547 39.84 -26.04 15.82
C GLN A 547 39.68 -26.04 17.34
N ALA A 548 40.78 -25.87 18.07
CA ALA A 548 40.76 -25.84 19.53
C ALA A 548 40.25 -27.14 20.13
N ILE A 549 40.54 -28.28 19.51
CA ILE A 549 40.12 -29.59 20.01
C ILE A 549 41.36 -30.26 20.59
N THR A 550 41.39 -30.40 21.91
CA THR A 550 42.43 -31.14 22.58
C THR A 550 42.18 -32.64 22.45
N SER A 551 41.06 -33.10 23.01
CA SER A 551 40.73 -34.51 23.14
C SER A 551 39.35 -34.73 22.51
N LEU A 552 39.12 -35.92 21.98
CA LEU A 552 37.80 -36.28 21.47
C LEU A 552 37.35 -37.56 22.19
N PRO A 553 36.76 -37.43 23.38
CA PRO A 553 36.19 -38.59 24.07
C PRO A 553 35.29 -39.39 23.14
N GLU A 554 35.29 -40.72 23.36
CA GLU A 554 34.57 -41.66 22.50
C GLU A 554 33.17 -42.01 22.99
N GLN A 555 32.83 -41.73 24.25
CA GLN A 555 31.48 -41.95 24.75
C GLN A 555 30.84 -40.65 25.20
N LEU A 556 29.53 -40.52 24.95
CA LEU A 556 28.83 -39.32 25.42
C LEU A 556 28.95 -39.16 26.93
N ASN A 557 29.12 -40.27 27.66
CA ASN A 557 29.31 -40.21 29.11
C ASN A 557 30.39 -39.22 29.51
N GLN A 558 31.39 -39.00 28.66
CA GLN A 558 32.48 -38.08 28.97
C GLN A 558 32.32 -36.72 28.28
N PHE A 559 31.14 -36.43 27.72
CA PHE A 559 30.99 -35.23 26.90
C PHE A 559 31.30 -33.97 27.70
N MET A 560 30.86 -33.90 28.96
CA MET A 560 31.09 -32.68 29.72
C MET A 560 32.57 -32.46 29.99
N ASP A 561 33.37 -33.52 30.02
CA ASP A 561 34.82 -33.33 30.14
C ASP A 561 35.38 -32.65 28.89
N PHE A 562 34.82 -32.98 27.73
CA PHE A 562 35.20 -32.30 26.50
C PHE A 562 34.71 -30.85 26.52
N TYR A 563 33.42 -30.67 26.82
CA TYR A 563 32.83 -29.34 26.92
C TYR A 563 33.68 -28.42 27.78
N ARG A 564 33.91 -28.83 29.02
CA ARG A 564 34.66 -27.99 29.95
C ARG A 564 36.06 -27.70 29.46
N GLU A 565 36.68 -28.65 28.76
CA GLU A 565 38.05 -28.45 28.29
C GLU A 565 38.08 -27.51 27.09
N ARG A 566 37.18 -27.69 26.13
CA ARG A 566 37.16 -26.77 25.01
C ARG A 566 36.65 -25.38 25.44
N GLN A 567 35.70 -25.31 26.37
CA GLN A 567 35.26 -24.00 26.82
C GLN A 567 36.43 -23.19 27.37
N GLU A 568 37.29 -23.84 28.16
CA GLU A 568 38.44 -23.12 28.68
C GLU A 568 39.37 -22.67 27.57
N THR A 569 39.62 -23.55 26.59
CA THR A 569 40.44 -23.18 25.44
C THR A 569 39.86 -21.97 24.71
N LEU A 570 38.54 -21.96 24.49
CA LEU A 570 37.89 -20.85 23.81
C LEU A 570 37.99 -19.55 24.61
N LEU A 571 37.72 -19.62 25.92
CA LEU A 571 37.86 -18.46 26.79
C LEU A 571 39.21 -17.80 26.61
N ALA A 572 40.28 -18.60 26.55
CA ALA A 572 41.60 -18.02 26.41
C ALA A 572 41.75 -17.32 25.06
N ARG A 573 41.25 -17.95 23.99
CA ARG A 573 41.30 -17.33 22.68
C ARG A 573 40.45 -16.05 22.63
N ILE A 574 39.25 -16.12 23.21
CA ILE A 574 38.36 -14.96 23.21
C ILE A 574 38.98 -13.80 23.96
N ARG A 575 39.51 -14.10 25.16
CA ARG A 575 40.19 -13.06 25.99
C ARG A 575 41.31 -12.41 25.17
N THR A 576 41.96 -13.20 24.30
CA THR A 576 43.04 -12.69 23.45
C THR A 576 42.52 -11.93 22.24
N ALA A 577 41.48 -12.46 21.60
CA ALA A 577 40.94 -11.79 20.41
C ALA A 577 40.29 -10.46 20.75
N LEU A 578 39.75 -10.30 21.96
CA LEU A 578 39.02 -9.10 22.32
C LEU A 578 39.82 -8.15 23.20
N GLN A 579 41.09 -8.42 23.42
CA GLN A 579 41.85 -7.62 24.38
C GLN A 579 42.16 -6.24 23.80
N PRO A 580 42.10 -5.19 24.61
CA PRO A 580 42.54 -3.86 24.14
C PRO A 580 43.99 -3.88 23.71
N ALA A 581 44.30 -3.09 22.69
CA ALA A 581 45.45 -3.30 21.82
C ALA A 581 46.69 -2.52 22.31
N SER A 582 47.70 -2.49 21.44
CA SER A 582 49.05 -2.06 21.79
C SER A 582 49.20 -0.54 21.58
N SER A 583 49.22 0.21 22.69
CA SER A 583 49.62 1.62 22.68
C SER A 583 49.24 2.30 24.01
N MET B 1 -0.19 20.79 18.66
CA MET B 1 -1.38 21.32 19.32
C MET B 1 -2.62 20.55 18.85
N TYR B 2 -3.70 20.65 19.63
CA TYR B 2 -5.02 20.18 19.22
C TYR B 2 -5.95 21.38 19.07
N GLN B 3 -6.71 21.39 17.98
CA GLN B 3 -7.85 22.28 17.82
C GLN B 3 -9.04 21.37 17.60
N ALA B 4 -10.00 21.41 18.53
CA ALA B 4 -11.10 20.46 18.54
C ALA B 4 -12.24 20.85 17.60
N GLY B 5 -12.35 22.12 17.22
CA GLY B 5 -13.44 22.57 16.37
C GLY B 5 -13.25 23.91 15.67
N GLY B 6 -13.24 23.87 14.32
CA GLY B 6 -13.36 25.06 13.53
C GLY B 6 -14.43 24.85 12.46
N THR B 7 -14.83 25.95 11.81
CA THR B 7 -15.82 25.88 10.75
C THR B 7 -15.18 25.58 9.40
N ILE B 8 -16.00 25.04 8.50
CA ILE B 8 -15.54 24.88 7.12
C ILE B 8 -15.25 26.24 6.48
N ARG B 9 -16.02 27.28 6.85
CA ARG B 9 -15.74 28.63 6.36
C ARG B 9 -14.33 29.08 6.73
N SER B 10 -13.98 28.98 8.01
CA SER B 10 -12.62 29.35 8.44
C SER B 10 -11.58 28.53 7.67
N LEU B 11 -11.81 27.23 7.51
CA LEU B 11 -10.84 26.40 6.78
C LEU B 11 -10.66 26.91 5.36
N LEU B 12 -11.78 27.13 4.65
CA LEU B 12 -11.68 27.52 3.24
C LEU B 12 -11.16 28.94 3.07
N ASP B 13 -11.38 29.83 4.05
CA ASP B 13 -10.75 31.15 3.99
C ASP B 13 -9.23 31.04 4.04
N LYS B 14 -8.71 30.16 4.91
CA LYS B 14 -7.26 29.93 4.92
C LYS B 14 -6.77 29.33 3.59
N VAL B 15 -7.52 28.39 3.02
CA VAL B 15 -7.13 27.86 1.71
C VAL B 15 -7.09 28.99 0.68
N ALA B 16 -8.08 29.89 0.74
CA ALA B 16 -8.18 30.96 -0.25
C ALA B 16 -6.96 31.88 -0.20
N GLU B 17 -6.47 32.22 0.99
CA GLU B 17 -5.32 33.11 1.07
C GLU B 17 -4.00 32.34 1.07
N GLN B 18 -4.03 31.08 0.65
CA GLN B 18 -2.84 30.24 0.51
C GLN B 18 -2.06 30.10 1.82
N GLU B 19 -2.75 30.15 2.96
CA GLU B 19 -2.12 29.86 4.24
C GLU B 19 -2.24 28.38 4.64
N TYR B 20 -3.22 27.65 4.11
CA TYR B 20 -3.20 26.19 4.14
C TYR B 20 -2.76 25.73 2.75
N LEU B 21 -1.69 24.94 2.70
CA LEU B 21 -1.09 24.46 1.46
C LEU B 21 -0.82 22.96 1.57
N LEU B 22 -0.38 22.39 0.46
CA LEU B 22 -0.03 20.99 0.32
C LEU B 22 1.47 20.84 0.14
N PRO B 23 2.08 19.82 0.72
CA PRO B 23 3.47 19.50 0.36
C PRO B 23 3.47 18.72 -0.94
N ALA B 24 4.66 18.56 -1.51
CA ALA B 24 4.80 17.99 -2.85
C ALA B 24 4.72 16.47 -2.80
N ILE B 25 3.50 15.94 -2.70
CA ILE B 25 3.35 14.49 -2.73
C ILE B 25 2.33 14.03 -3.78
N PHE B 29 -4.10 13.28 -6.24
CA PHE B 29 -5.14 13.19 -7.30
C PHE B 29 -6.46 13.79 -6.76
N VAL B 30 -7.54 13.62 -7.52
CA VAL B 30 -8.85 14.13 -7.13
C VAL B 30 -9.90 13.03 -7.26
N TRP B 31 -11.01 13.21 -6.54
CA TRP B 31 -12.11 12.27 -6.49
C TRP B 31 -12.98 12.38 -7.75
N ARG B 32 -13.93 11.44 -7.89
CA ARG B 32 -14.89 11.50 -8.99
C ARG B 32 -15.98 12.48 -8.52
N PRO B 33 -16.60 13.21 -9.44
CA PRO B 33 -17.64 14.18 -9.06
C PRO B 33 -18.72 13.56 -8.19
N GLU B 34 -19.09 12.30 -8.45
CA GLU B 34 -20.16 11.67 -7.69
C GLU B 34 -19.78 11.54 -6.22
N GLN B 35 -18.48 11.39 -5.94
CA GLN B 35 -17.99 11.27 -4.57
C GLN B 35 -17.92 12.61 -3.88
N ILE B 36 -17.60 13.68 -4.60
CA ILE B 36 -17.72 15.01 -4.00
C ILE B 36 -19.16 15.23 -3.54
N CYS B 37 -20.14 14.81 -4.34
CA CYS B 37 -21.53 15.04 -3.97
C CYS B 37 -21.93 14.18 -2.78
N ARG B 38 -21.42 12.94 -2.71
CA ARG B 38 -21.69 12.09 -1.55
C ARG B 38 -21.09 12.68 -0.28
N LEU B 39 -19.96 13.40 -0.39
CA LEU B 39 -19.38 14.03 0.78
C LEU B 39 -20.28 15.14 1.32
N PHE B 40 -20.78 16.00 0.43
CA PHE B 40 -21.63 17.11 0.88
C PHE B 40 -22.93 16.58 1.46
N ASP B 41 -23.51 15.55 0.84
CA ASP B 41 -24.71 14.93 1.40
C ASP B 41 -24.43 14.33 2.78
N SER B 42 -23.32 13.61 2.93
CA SER B 42 -22.96 13.04 4.24
C SER B 42 -22.74 14.15 5.27
N LEU B 43 -22.08 15.22 4.86
CA LEU B 43 -21.88 16.37 5.75
C LEU B 43 -23.21 16.94 6.25
N LEU B 44 -24.16 17.21 5.34
CA LEU B 44 -25.42 17.79 5.80
C LEU B 44 -26.24 16.79 6.62
N GLN B 45 -26.11 15.50 6.35
CA GLN B 45 -26.79 14.48 7.13
C GLN B 45 -26.24 14.37 8.54
N GLY B 46 -25.05 14.90 8.82
CA GLY B 46 -24.51 14.83 10.17
C GLY B 46 -23.33 13.91 10.40
N TYR B 47 -22.81 13.23 9.36
CA TYR B 47 -21.62 12.38 9.53
C TYR B 47 -20.39 13.23 9.85
N PRO B 48 -19.68 12.98 10.95
CA PRO B 48 -18.57 13.86 11.32
C PRO B 48 -17.31 13.56 10.50
N PHE B 49 -16.53 14.62 10.27
CA PHE B 49 -15.19 14.48 9.69
C PHE B 49 -14.23 13.89 10.71
N GLY B 50 -13.31 13.04 10.25
CA GLY B 50 -12.20 12.66 11.10
C GLY B 50 -11.23 13.81 11.25
N THR B 51 -10.34 13.71 12.24
CA THR B 51 -9.39 14.77 12.50
C THR B 51 -8.34 14.86 11.38
N PHE B 52 -7.90 16.08 11.06
CA PHE B 52 -6.85 16.33 10.10
C PHE B 52 -5.52 16.49 10.84
N LEU B 53 -4.44 16.53 10.08
CA LEU B 53 -3.10 16.75 10.62
C LEU B 53 -2.40 17.82 9.78
N PHE B 54 -1.91 18.86 10.45
CA PHE B 54 -1.33 20.03 9.83
C PHE B 54 0.11 20.16 10.29
N TRP B 55 1.01 20.41 9.35
CA TRP B 55 2.43 20.65 9.63
C TRP B 55 2.72 22.15 9.54
N LYS B 56 3.02 22.77 10.68
CA LYS B 56 3.29 24.21 10.74
C LYS B 56 4.67 24.53 10.17
N ILE B 57 4.73 25.46 9.21
CA ILE B 57 5.99 25.84 8.57
C ILE B 57 6.34 27.24 9.04
N LYS B 58 7.48 27.38 9.71
CA LYS B 58 7.86 28.70 10.18
C LYS B 58 8.45 29.53 9.04
N PRO B 59 8.49 30.86 9.19
CA PRO B 59 8.95 31.71 8.08
C PRO B 59 10.39 31.50 7.68
N GLU B 60 11.26 30.98 8.56
CA GLU B 60 12.61 30.65 8.13
C GLU B 60 12.63 29.52 7.11
N ASN B 61 11.54 28.78 6.98
CA ASN B 61 11.51 27.60 6.12
C ASN B 61 10.56 27.75 4.94
N ARG B 62 9.98 28.92 4.72
CA ARG B 62 9.06 29.12 3.61
C ARG B 62 9.63 28.53 2.34
N ASP B 63 10.97 28.59 2.19
CA ASP B 63 11.63 28.22 0.95
C ASP B 63 12.33 26.85 1.01
N SER B 64 12.36 26.21 2.17
CA SER B 64 13.04 24.92 2.32
C SER B 64 12.35 23.79 1.58
N TYR B 65 11.07 23.93 1.22
CA TYR B 65 10.34 22.82 0.60
C TYR B 65 9.40 23.33 -0.48
N GLN B 66 9.03 22.45 -1.40
CA GLN B 66 8.13 22.79 -2.48
C GLN B 66 6.67 22.60 -2.05
N PHE B 67 5.86 23.65 -2.18
CA PHE B 67 4.47 23.64 -1.74
C PHE B 67 3.55 23.84 -2.93
N TYR B 68 2.34 23.29 -2.82
CA TYR B 68 1.35 23.40 -3.86
C TYR B 68 0.04 23.91 -3.28
N GLN B 69 -0.84 24.32 -4.17
CA GLN B 69 -2.13 24.91 -3.83
C GLN B 69 -3.21 23.88 -3.99
N PHE B 70 -4.22 23.93 -3.11
CA PHE B 70 -5.35 23.03 -3.25
C PHE B 70 -6.06 23.24 -4.59
N MET B 71 -6.44 22.13 -5.21
CA MET B 71 -7.18 22.18 -6.47
C MET B 71 -8.51 22.87 -6.26
N GLN B 72 -8.88 23.73 -7.22
CA GLN B 72 -10.11 24.51 -7.15
C GLN B 72 -10.99 24.32 -8.38
N HIS B 73 -10.49 24.69 -9.57
CA HIS B 73 -11.23 24.58 -10.83
C HIS B 73 -10.65 23.39 -11.60
N TYR B 74 -11.21 22.22 -11.35
CA TYR B 74 -10.67 20.99 -11.92
C TYR B 74 -11.15 20.83 -13.36
N HIS B 75 -10.21 20.54 -14.25
CA HIS B 75 -10.51 20.24 -15.65
C HIS B 75 -9.83 18.93 -16.01
N GLU B 76 -10.61 17.92 -16.37
CA GLU B 76 -10.06 16.60 -16.64
C GLU B 76 -8.98 16.64 -17.71
N ARG B 77 -9.01 17.64 -18.59
CA ARG B 77 -8.03 17.77 -19.66
C ARG B 77 -6.96 18.83 -19.36
N ASP B 78 -7.37 20.02 -18.91
CA ASP B 78 -6.50 21.19 -18.86
C ASP B 78 -5.96 21.53 -17.47
N ASN B 79 -6.45 20.86 -16.42
CA ASN B 79 -6.06 21.24 -15.05
C ASN B 79 -6.39 20.13 -14.06
N TYR B 80 -5.67 19.02 -14.13
CA TYR B 80 -5.80 17.94 -13.15
C TYR B 80 -4.60 17.84 -12.23
N HIS B 81 -3.63 18.74 -12.37
CA HIS B 81 -2.47 18.81 -11.51
C HIS B 81 -2.60 19.98 -10.57
N CYS B 82 -2.12 19.80 -9.33
CA CYS B 82 -2.16 20.87 -8.36
C CYS B 82 -1.26 22.02 -8.79
N GLU B 83 -1.75 23.24 -8.55
CA GLU B 83 -1.10 24.47 -8.94
C GLU B 83 -0.02 24.84 -7.94
N ASN B 84 1.05 25.45 -8.44
CA ASN B 84 2.12 25.90 -7.58
C ASN B 84 1.70 27.15 -6.80
N VAL B 85 2.38 27.38 -5.68
CA VAL B 85 2.03 28.50 -4.82
C VAL B 85 2.33 29.82 -5.54
N THR B 86 1.41 30.78 -5.42
CA THR B 86 1.63 32.13 -5.92
C THR B 86 1.72 33.19 -4.83
N GLN B 87 1.05 33.00 -3.70
CA GLN B 87 1.11 33.94 -2.59
C GLN B 87 1.73 33.24 -1.38
N LEU B 88 3.01 32.90 -1.52
CA LEU B 88 3.71 32.21 -0.45
C LEU B 88 3.70 33.09 0.79
N PRO B 89 3.14 32.64 1.91
CA PRO B 89 3.01 33.52 3.08
C PRO B 89 4.37 33.90 3.65
N GLU B 90 4.41 35.07 4.28
CA GLU B 90 5.59 35.53 4.99
C GLU B 90 5.43 35.43 6.49
N ARG B 91 4.25 35.07 6.97
CA ARG B 91 4.08 34.58 8.34
C ARG B 91 3.96 33.06 8.33
N GLU B 92 4.05 32.48 9.52
CA GLU B 92 3.94 31.04 9.66
C GLU B 92 2.64 30.54 9.04
N PHE B 93 2.74 29.45 8.28
CA PHE B 93 1.62 28.87 7.55
C PHE B 93 1.64 27.35 7.71
N ILE B 94 0.71 26.67 7.04
CA ILE B 94 0.44 25.26 7.28
C ILE B 94 0.51 24.50 5.97
N ALA B 95 1.09 23.31 6.01
CA ALA B 95 0.98 22.32 4.96
C ALA B 95 0.19 21.14 5.50
N VAL B 96 -0.80 20.70 4.75
CA VAL B 96 -1.76 19.69 5.20
C VAL B 96 -1.18 18.31 4.93
N LEU B 97 -1.00 17.52 5.99
CA LEU B 97 -0.46 16.16 5.87
C LEU B 97 -1.55 15.10 5.84
N ASP B 98 -2.65 15.31 6.53
CA ASP B 98 -3.82 14.45 6.49
C ASP B 98 -5.07 15.32 6.38
N GLY B 99 -5.91 15.03 5.40
CA GLY B 99 -7.06 15.85 5.10
C GLY B 99 -7.08 16.38 3.69
N GLN B 100 -6.06 16.06 2.89
CA GLN B 100 -5.88 16.68 1.58
C GLN B 100 -7.08 16.48 0.68
N GLN B 101 -7.63 15.26 0.62
CA GLN B 101 -8.71 14.98 -0.33
C GLN B 101 -10.07 15.47 0.17
N ARG B 102 -10.31 15.42 1.47
CA ARG B 102 -11.54 15.99 2.01
C ARG B 102 -11.55 17.49 1.83
N ILE B 103 -10.40 18.12 2.01
CA ILE B 103 -10.32 19.57 1.89
C ILE B 103 -10.46 19.97 0.43
N THR B 104 -9.84 19.21 -0.48
CA THR B 104 -9.99 19.45 -1.91
C THR B 104 -11.46 19.38 -2.33
N ALA B 105 -12.17 18.35 -1.87
CA ALA B 105 -13.57 18.23 -2.24
C ALA B 105 -14.39 19.39 -1.68
N LEU B 106 -14.20 19.73 -0.40
CA LEU B 106 -14.85 20.92 0.14
C LEU B 106 -14.58 22.11 -0.75
N ASN B 107 -13.30 22.30 -1.13
CA ASN B 107 -12.86 23.46 -1.89
C ASN B 107 -13.44 23.48 -3.29
N ILE B 108 -13.49 22.34 -3.97
CA ILE B 108 -14.11 22.31 -5.29
C ILE B 108 -15.61 22.56 -5.19
N GLY B 109 -16.29 21.92 -4.23
CA GLY B 109 -17.72 22.11 -4.12
C GLY B 109 -18.09 23.54 -3.78
N LEU B 110 -17.33 24.20 -2.90
CA LEU B 110 -17.74 25.49 -2.36
C LEU B 110 -17.09 26.68 -3.05
N ARG B 111 -15.99 26.48 -3.75
CA ARG B 111 -15.20 27.58 -4.31
C ARG B 111 -14.73 27.34 -5.74
N GLY B 112 -14.93 26.16 -6.31
CA GLY B 112 -14.33 25.80 -7.58
C GLY B 112 -15.37 25.18 -8.51
N SER B 113 -14.87 24.31 -9.39
CA SER B 113 -15.68 23.71 -10.45
C SER B 113 -15.06 22.39 -10.89
N PHE B 114 -15.83 21.65 -11.69
CA PHE B 114 -15.43 20.33 -12.16
C PHE B 114 -15.86 20.21 -13.62
N ALA B 115 -14.89 20.06 -14.53
CA ALA B 115 -15.15 19.86 -15.95
C ALA B 115 -14.66 18.47 -16.33
N TRP B 116 -15.58 17.56 -16.61
CA TRP B 116 -15.19 16.20 -16.98
C TRP B 116 -15.58 15.93 -18.44
N LYS B 117 -14.91 14.95 -19.04
CA LYS B 117 -15.17 14.61 -20.44
C LYS B 117 -16.51 13.89 -20.56
N LEU B 118 -17.37 14.38 -21.45
CA LEU B 118 -18.65 13.73 -21.66
C LEU B 118 -18.44 12.30 -22.15
N THR B 119 -19.37 11.42 -21.81
CA THR B 119 -19.23 10.02 -22.18
C THR B 119 -19.35 9.84 -23.69
N GLY B 120 -18.40 9.12 -24.27
CA GLY B 120 -18.41 8.84 -25.70
C GLY B 120 -17.61 9.81 -26.55
N LYS B 121 -17.31 11.01 -26.05
CA LYS B 121 -16.57 12.04 -26.76
C LYS B 121 -15.06 11.79 -26.62
N TRP B 122 -14.29 12.50 -27.44
CA TRP B 122 -12.84 12.36 -27.42
C TRP B 122 -12.18 13.61 -26.87
N TRP B 123 -10.92 13.44 -26.43
CA TRP B 123 -10.17 14.53 -25.82
C TRP B 123 -10.03 15.74 -26.74
N SER B 124 -9.94 15.50 -28.05
CA SER B 124 -9.86 16.62 -29.01
C SER B 124 -11.06 17.53 -28.89
N ASN B 125 -12.27 16.95 -28.81
CA ASN B 125 -13.47 17.78 -28.78
C ASN B 125 -13.40 18.76 -27.62
N ASP B 126 -13.63 20.04 -27.92
CA ASP B 126 -13.52 21.09 -26.93
C ASP B 126 -14.83 21.29 -26.15
N ASP B 127 -15.97 21.04 -26.80
CA ASP B 127 -17.27 21.10 -26.14
C ASP B 127 -17.62 19.78 -25.44
N ALA B 128 -16.63 18.94 -25.18
CA ALA B 128 -16.80 17.73 -24.40
C ALA B 128 -16.47 17.93 -22.93
N PHE B 129 -16.10 19.14 -22.51
CA PHE B 129 -15.71 19.44 -21.13
C PHE B 129 -16.48 20.65 -20.59
N PRO B 130 -17.82 20.58 -20.57
CA PRO B 130 -18.59 21.69 -19.98
C PRO B 130 -18.20 21.91 -18.53
N VAL B 131 -18.00 23.18 -18.16
CA VAL B 131 -17.65 23.53 -16.79
C VAL B 131 -18.90 23.43 -15.91
N ARG B 132 -18.82 22.68 -14.83
CA ARG B 132 -19.97 22.47 -13.93
C ARG B 132 -19.61 22.87 -12.50
N ARG B 133 -20.62 23.31 -11.75
CA ARG B 133 -20.41 23.69 -10.36
C ARG B 133 -21.41 22.96 -9.46
N LEU B 134 -21.02 22.81 -8.20
CA LEU B 134 -21.86 22.06 -7.27
C LEU B 134 -23.15 22.83 -6.96
N HIS B 135 -24.26 22.10 -6.98
CA HIS B 135 -25.59 22.65 -6.76
C HIS B 135 -26.33 21.72 -5.80
N LEU B 136 -27.23 22.30 -5.02
CA LEU B 136 -28.08 21.53 -4.12
C LEU B 136 -29.54 21.83 -4.44
N ASN B 137 -30.33 20.78 -4.41
CA ASN B 137 -31.76 20.89 -4.69
C ASN B 137 -32.45 21.24 -3.37
N LEU B 138 -32.81 22.51 -3.22
CA LEU B 138 -33.40 22.97 -1.97
C LEU B 138 -34.70 22.25 -1.63
N LEU B 139 -35.29 21.51 -2.57
CA LEU B 139 -36.47 20.68 -2.33
C LEU B 139 -36.12 19.18 -2.32
N SER B 140 -34.95 18.81 -1.80
CA SER B 140 -34.54 17.42 -1.78
C SER B 140 -35.56 16.59 -1.00
N LYS B 141 -35.82 15.38 -1.49
CA LYS B 141 -36.61 14.44 -0.73
C LYS B 141 -35.85 13.12 -0.63
N PRO B 142 -35.86 12.52 0.57
CA PRO B 142 -35.11 11.27 0.78
C PRO B 142 -35.26 10.25 -0.33
N ASP B 143 -34.13 9.89 -0.96
CA ASP B 143 -34.06 8.80 -1.93
C ASP B 143 -33.67 7.53 -1.17
N LEU B 144 -34.64 6.67 -0.91
CA LEU B 144 -34.42 5.50 -0.05
C LEU B 144 -33.70 4.36 -0.78
N GLU B 145 -33.08 4.63 -1.92
CA GLU B 145 -32.25 3.67 -2.64
C GLU B 145 -30.76 3.96 -2.47
N THR B 146 -30.33 5.21 -2.69
CA THR B 146 -28.94 5.60 -2.47
C THR B 146 -28.65 5.91 -1.02
N GLY B 147 -29.67 5.97 -0.16
CA GLY B 147 -29.48 6.48 1.18
C GLY B 147 -29.24 7.98 1.24
N SER B 148 -29.58 8.69 0.17
CA SER B 148 -29.33 10.13 0.08
C SER B 148 -30.49 10.91 0.66
N MET B 149 -30.18 11.87 1.53
CA MET B 149 -31.16 12.80 2.06
C MET B 149 -31.18 14.14 1.33
N TYR B 150 -30.02 14.59 0.85
CA TYR B 150 -29.90 15.82 0.08
C TYR B 150 -29.36 15.48 -1.29
N ASP B 151 -29.95 16.09 -2.33
CA ASP B 151 -29.56 15.83 -3.71
C ASP B 151 -28.59 16.93 -4.12
N PHE B 152 -27.32 16.58 -4.15
CA PHE B 152 -26.24 17.43 -4.66
C PHE B 152 -25.88 16.98 -6.07
N GLU B 153 -25.51 17.93 -6.91
CA GLU B 153 -25.17 17.57 -8.27
C GLU B 153 -24.35 18.70 -8.90
N PHE B 154 -23.43 18.31 -9.75
CA PHE B 154 -22.62 19.25 -10.50
C PHE B 154 -23.37 19.60 -11.78
N LEU B 155 -23.68 20.88 -11.97
CA LEU B 155 -24.53 21.31 -13.07
C LEU B 155 -23.87 22.42 -13.86
N THR B 156 -24.04 22.37 -15.18
CA THR B 156 -23.78 23.54 -16.00
C THR B 156 -24.73 24.67 -15.59
N ASP B 157 -24.34 25.89 -15.96
CA ASP B 157 -25.16 27.04 -15.64
C ASP B 157 -26.57 26.90 -16.19
N ASP B 158 -26.72 26.27 -17.36
CA ASP B 158 -28.00 26.20 -18.03
C ASP B 158 -28.84 25.01 -17.61
N LYS B 159 -28.24 23.86 -17.30
CA LYS B 159 -29.07 22.80 -16.77
C LYS B 159 -29.59 23.13 -15.37
N ALA B 160 -28.93 24.07 -14.66
CA ALA B 160 -29.44 24.52 -13.37
C ALA B 160 -30.58 25.51 -13.54
N SER B 161 -30.37 26.50 -14.41
CA SER B 161 -31.35 27.57 -14.60
C SER B 161 -32.64 27.07 -15.26
N LEU B 162 -32.57 25.97 -16.02
CA LEU B 162 -33.79 25.44 -16.65
C LEU B 162 -34.88 25.25 -15.59
N ASP B 163 -36.13 25.39 -16.03
CA ASP B 163 -37.26 25.06 -15.17
C ASP B 163 -37.16 23.60 -14.76
N ALA B 164 -36.75 23.36 -13.52
CA ALA B 164 -36.73 22.02 -12.97
C ALA B 164 -38.06 21.81 -12.26
N SER B 165 -38.91 20.95 -12.82
CA SER B 165 -40.23 20.71 -12.26
C SER B 165 -40.13 19.93 -10.96
N GLU B 166 -40.70 20.47 -9.88
CA GLU B 166 -40.60 19.94 -8.51
C GLU B 166 -39.21 20.14 -7.92
N GLN B 167 -38.30 20.83 -8.62
CA GLN B 167 -36.94 21.01 -8.16
C GLN B 167 -36.61 22.50 -8.11
N TYR B 168 -35.70 22.84 -7.19
CA TYR B 168 -35.21 24.20 -7.02
C TYR B 168 -33.71 24.08 -6.75
N TRP B 169 -32.90 24.31 -7.78
CA TRP B 169 -31.47 24.11 -7.70
C TRP B 169 -30.76 25.38 -7.25
N PHE B 170 -29.82 25.21 -6.33
CA PHE B 170 -29.12 26.32 -5.70
C PHE B 170 -27.62 26.12 -5.80
N ARG B 171 -26.91 27.12 -6.29
CA ARG B 171 -25.47 26.99 -6.48
C ARG B 171 -24.80 27.12 -5.12
N VAL B 172 -24.20 26.03 -4.66
CA VAL B 172 -23.72 25.88 -3.30
C VAL B 172 -22.70 26.95 -2.97
N GLY B 173 -21.87 27.33 -3.95
CA GLY B 173 -20.79 28.29 -3.74
C GLY B 173 -21.27 29.70 -3.39
N ARG B 174 -22.54 30.00 -3.65
CA ARG B 174 -23.09 31.30 -3.28
C ARG B 174 -23.04 31.54 -1.78
N ILE B 175 -22.97 30.50 -0.95
CA ILE B 175 -22.94 30.71 0.49
C ILE B 175 -21.57 31.20 0.96
N MET B 176 -20.57 31.15 0.09
CA MET B 176 -19.29 31.79 0.37
C MET B 176 -19.21 33.21 -0.16
N GLU B 177 -20.17 33.63 -0.99
CA GLU B 177 -20.10 34.91 -1.68
C GLU B 177 -21.15 35.92 -1.20
N GLU B 178 -22.23 35.48 -0.57
CA GLU B 178 -23.31 36.36 -0.14
C GLU B 178 -23.66 36.06 1.31
N GLU B 179 -24.28 37.04 1.96
CA GLU B 179 -24.80 36.84 3.31
C GLU B 179 -26.05 35.95 3.29
N GLU B 180 -26.21 35.16 4.36
CA GLU B 180 -27.38 34.30 4.45
C GLU B 180 -28.69 35.08 4.22
N ASP B 181 -28.77 36.34 4.69
CA ASP B 181 -30.01 37.12 4.60
C ASP B 181 -30.40 37.36 3.15
N ALA B 182 -29.43 37.75 2.32
CA ALA B 182 -29.70 37.95 0.90
C ALA B 182 -30.16 36.67 0.23
N LEU B 183 -29.55 35.53 0.57
CA LEU B 183 -29.94 34.29 -0.09
C LEU B 183 -31.31 33.82 0.38
N ILE B 184 -31.57 33.93 1.68
CA ILE B 184 -32.88 33.53 2.21
C ILE B 184 -33.97 34.40 1.61
N ASP B 185 -33.69 35.69 1.42
CA ASP B 185 -34.69 36.60 0.86
C ASP B 185 -34.98 36.25 -0.60
N GLU B 186 -33.94 35.98 -1.40
CA GLU B 186 -34.17 35.52 -2.77
C GLU B 186 -35.17 34.38 -2.81
N VAL B 187 -35.01 33.40 -1.92
CA VAL B 187 -35.90 32.25 -1.93
C VAL B 187 -37.32 32.67 -1.53
N ALA B 188 -37.43 33.53 -0.52
CA ALA B 188 -38.73 34.00 -0.07
C ALA B 188 -39.47 34.78 -1.17
N ASP B 189 -38.73 35.58 -1.95
CA ASP B 189 -39.33 36.46 -2.95
C ASP B 189 -39.51 35.82 -4.33
N ASP B 190 -39.25 34.51 -4.48
CA ASP B 190 -39.36 33.84 -5.78
C ASP B 190 -40.79 33.36 -5.97
N ALA B 191 -41.54 34.03 -6.84
CA ALA B 191 -42.96 33.68 -6.99
C ALA B 191 -43.17 32.37 -7.72
N ARG B 192 -42.12 31.78 -8.30
CA ARG B 192 -42.25 30.46 -8.93
C ARG B 192 -42.39 29.34 -7.91
N LEU B 193 -41.99 29.56 -6.65
CA LEU B 193 -42.22 28.58 -5.60
C LEU B 193 -43.61 28.76 -4.99
N SER B 194 -44.27 27.65 -4.69
CA SER B 194 -45.47 27.66 -3.88
C SER B 194 -45.12 27.99 -2.42
N SER B 195 -46.13 28.26 -1.61
CA SER B 195 -45.84 28.60 -0.22
C SER B 195 -45.24 27.39 0.52
N GLU B 196 -45.80 26.19 0.29
CA GLU B 196 -45.23 24.99 0.89
C GLU B 196 -43.82 24.71 0.37
N GLN B 197 -43.57 24.92 -0.92
CA GLN B 197 -42.21 24.72 -1.43
C GLN B 197 -41.25 25.74 -0.85
N ARG B 198 -41.72 26.98 -0.63
CA ARG B 198 -40.88 28.06 -0.13
C ARG B 198 -40.43 27.79 1.31
N LYS B 199 -41.32 27.24 2.13
CA LYS B 199 -40.94 26.87 3.49
C LYS B 199 -39.84 25.80 3.48
N GLU B 200 -39.98 24.79 2.63
CA GLU B 200 -38.98 23.73 2.60
C GLU B 200 -37.64 24.23 2.05
N ALA B 201 -37.67 24.99 0.95
CA ALA B 201 -36.43 25.50 0.40
C ALA B 201 -35.67 26.34 1.42
N ARG B 202 -36.41 27.05 2.28
CA ARG B 202 -35.80 27.97 3.23
C ARG B 202 -35.01 27.23 4.32
N SER B 203 -35.62 26.20 4.91
CA SER B 203 -34.88 25.48 5.95
C SER B 203 -33.76 24.60 5.39
N THR B 204 -33.81 24.22 4.11
CA THR B 204 -32.65 23.55 3.53
C THR B 204 -31.53 24.54 3.29
N LEU B 205 -31.88 25.75 2.88
CA LEU B 205 -30.81 26.70 2.60
C LEU B 205 -30.12 27.12 3.87
N ARG B 206 -30.90 27.29 4.96
CA ARG B 206 -30.34 27.61 6.27
C ARG B 206 -29.47 26.47 6.77
N HIS B 207 -29.96 25.24 6.63
CA HIS B 207 -29.16 24.09 7.06
C HIS B 207 -27.82 24.07 6.33
N LEU B 208 -27.81 24.29 5.01
CA LEU B 208 -26.56 24.33 4.26
C LEU B 208 -25.68 25.49 4.71
N TYR B 209 -26.26 26.68 4.82
CA TYR B 209 -25.46 27.85 5.17
C TYR B 209 -24.77 27.65 6.51
N ARG B 210 -25.49 27.07 7.48
CA ARG B 210 -25.01 27.03 8.86
C ARG B 210 -24.12 25.84 9.14
N THR B 211 -24.32 24.74 8.40
CA THR B 211 -23.36 23.65 8.48
C THR B 211 -21.96 24.14 8.15
N ILE B 212 -21.85 25.03 7.15
CA ILE B 212 -20.57 25.55 6.71
C ILE B 212 -20.07 26.67 7.64
N HIS B 213 -20.98 27.50 8.20
CA HIS B 213 -20.57 28.73 8.88
C HIS B 213 -20.64 28.69 10.41
N ASP B 214 -21.50 27.85 10.99
CA ASP B 214 -21.75 27.82 12.43
C ASP B 214 -21.20 26.58 13.13
N LYS B 215 -21.22 25.43 12.48
CA LYS B 215 -20.96 24.17 13.14
C LYS B 215 -19.45 23.90 13.15
N ASP B 216 -18.95 23.42 14.30
CA ASP B 216 -17.53 23.10 14.45
C ASP B 216 -17.31 21.72 13.85
N LYS B 217 -17.06 21.69 12.55
CA LYS B 217 -16.91 20.43 11.85
C LYS B 217 -15.46 19.99 11.68
N ILE B 218 -14.51 20.91 11.82
CA ILE B 218 -13.12 20.71 11.46
C ILE B 218 -12.28 20.60 12.73
N SER B 219 -11.58 19.49 12.89
CA SER B 219 -10.63 19.36 13.99
C SER B 219 -9.28 18.97 13.43
N PHE B 220 -8.20 19.46 14.07
CA PHE B 220 -6.89 19.16 13.55
C PHE B 220 -5.84 19.20 14.64
N TYR B 221 -4.76 18.45 14.41
CA TYR B 221 -3.49 18.60 15.12
C TYR B 221 -2.55 19.45 14.28
N GLU B 222 -1.75 20.27 14.95
CA GLU B 222 -0.97 21.34 14.33
C GLU B 222 0.42 21.34 14.97
N GLU B 223 1.44 20.89 14.24
CA GLU B 223 2.76 20.74 14.84
C GLU B 223 3.89 21.24 13.94
N SER B 224 4.94 21.74 14.59
CA SER B 224 6.15 22.25 13.95
C SER B 224 7.11 21.11 13.57
N ASP B 225 8.22 21.50 12.95
CA ASP B 225 9.26 20.54 12.54
C ASP B 225 9.71 19.69 13.72
N GLN B 226 9.80 20.29 14.90
CA GLN B 226 10.58 19.66 15.97
C GLN B 226 9.87 18.44 16.51
N SER B 227 8.56 18.55 16.71
CA SER B 227 7.79 17.44 17.24
C SER B 227 6.80 16.87 16.24
N LEU B 228 6.99 17.16 14.94
CA LEU B 228 6.16 16.52 13.92
C LEU B 228 6.19 15.01 14.07
N GLU B 229 7.40 14.45 14.23
CA GLU B 229 7.54 13.00 14.20
C GLU B 229 6.71 12.34 15.28
N ARG B 230 6.72 12.92 16.47
CA ARG B 230 6.04 12.32 17.61
C ARG B 230 4.53 12.39 17.43
N VAL B 231 4.00 13.57 17.07
CA VAL B 231 2.56 13.74 16.98
C VAL B 231 2.00 13.03 15.76
N LEU B 232 2.75 13.03 14.66
CA LEU B 232 2.31 12.25 13.51
C LEU B 232 2.09 10.79 13.89
N ASN B 233 3.03 10.21 14.65
CA ASN B 233 2.84 8.85 15.16
C ASN B 233 1.62 8.75 16.08
N ILE B 234 1.50 9.64 17.08
CA ILE B 234 0.29 9.68 17.89
C ILE B 234 -0.95 9.70 17.00
N PHE B 235 -0.96 10.60 16.01
CA PHE B 235 -2.14 10.77 15.16
C PHE B 235 -2.48 9.48 14.42
N ILE B 236 -1.47 8.79 13.91
CA ILE B 236 -1.72 7.53 13.20
C ILE B 236 -2.17 6.44 14.17
N ARG B 237 -1.57 6.38 15.36
CA ARG B 237 -1.97 5.42 16.38
C ARG B 237 -3.45 5.54 16.75
N MET B 238 -3.93 6.75 17.02
CA MET B 238 -5.27 6.95 17.58
C MET B 238 -6.39 7.06 16.54
N ASN B 239 -6.07 7.39 15.29
CA ASN B 239 -7.10 7.47 14.25
C ASN B 239 -6.97 6.26 13.32
N SER B 240 -7.59 6.32 12.14
CA SER B 240 -7.34 5.25 11.17
C SER B 240 -5.88 5.24 10.72
N GLY B 241 -5.05 4.44 11.38
CA GLY B 241 -3.63 4.43 11.06
C GLY B 241 -3.27 3.45 9.96
N GLY B 242 -3.35 2.16 10.28
CA GLY B 242 -3.33 1.12 9.27
C GLY B 242 -4.57 1.22 8.42
N THR B 243 -4.39 1.74 7.20
CA THR B 243 -5.50 2.12 6.32
C THR B 243 -6.62 1.08 6.36
N THR B 244 -7.85 1.58 6.28
CA THR B 244 -9.04 0.73 6.19
C THR B 244 -9.10 0.02 4.84
N LEU B 245 -9.61 -1.20 4.87
CA LEU B 245 -9.87 -1.89 3.60
C LEU B 245 -11.07 -1.25 2.92
N SER B 246 -10.95 -1.05 1.61
CA SER B 246 -12.09 -0.73 0.77
C SER B 246 -13.05 -1.91 0.72
N TYR B 247 -14.23 -1.68 0.19
CA TYR B 247 -15.15 -2.81 -0.02
C TYR B 247 -14.50 -3.86 -0.91
N SER B 248 -13.95 -3.44 -2.06
CA SER B 248 -13.20 -4.34 -2.92
C SER B 248 -12.26 -5.21 -2.11
N ASP B 249 -11.31 -4.59 -1.41
CA ASP B 249 -10.29 -5.37 -0.73
C ASP B 249 -10.88 -6.19 0.41
N LEU B 250 -12.01 -5.74 0.98
CA LEU B 250 -12.66 -6.53 2.02
C LEU B 250 -13.21 -7.83 1.44
N LEU B 251 -13.95 -7.75 0.32
CA LEU B 251 -14.43 -8.97 -0.31
C LEU B 251 -13.28 -9.92 -0.64
N LEU B 252 -12.19 -9.38 -1.20
CA LEU B 252 -11.06 -10.21 -1.56
C LEU B 252 -10.53 -10.95 -0.34
N SER B 253 -10.34 -10.23 0.77
CA SER B 253 -9.80 -10.85 1.98
C SER B 253 -10.78 -11.87 2.53
N ILE B 254 -12.06 -11.52 2.59
CA ILE B 254 -13.08 -12.47 3.03
C ILE B 254 -13.13 -13.66 2.11
N ALA B 255 -13.04 -13.42 0.81
CA ALA B 255 -13.18 -14.49 -0.17
C ALA B 255 -12.00 -15.45 -0.09
N VAL B 256 -10.78 -14.92 -0.05
CA VAL B 256 -9.61 -15.80 0.03
C VAL B 256 -9.55 -16.54 1.35
N ALA B 257 -10.21 -16.03 2.39
CA ALA B 257 -10.19 -16.71 3.68
C ALA B 257 -10.76 -18.12 3.58
N GLN B 258 -11.67 -18.36 2.65
CA GLN B 258 -12.39 -19.62 2.62
C GLN B 258 -11.72 -20.72 1.81
N TRP B 259 -10.42 -20.65 1.55
CA TRP B 259 -9.77 -21.52 0.57
C TRP B 259 -8.75 -22.46 1.21
N SER B 260 -8.84 -23.76 0.88
CA SER B 260 -7.85 -24.73 1.36
C SER B 260 -6.47 -24.53 0.70
N SER B 261 -6.44 -24.05 -0.54
CA SER B 261 -5.20 -23.55 -1.11
C SER B 261 -4.65 -22.44 -0.22
N LEU B 262 -3.42 -22.62 0.27
CA LEU B 262 -2.83 -21.75 1.27
C LEU B 262 -2.69 -20.30 0.80
N ASP B 263 -2.82 -20.02 -0.51
CA ASP B 263 -2.78 -18.64 -1.00
C ASP B 263 -3.65 -18.53 -2.25
N ALA B 264 -4.96 -18.39 -2.02
CA ALA B 264 -5.85 -17.93 -3.09
C ALA B 264 -5.60 -16.47 -3.44
N ARG B 265 -5.09 -15.66 -2.50
CA ARG B 265 -4.67 -14.32 -2.87
C ARG B 265 -3.63 -14.35 -3.98
N GLU B 266 -2.65 -15.27 -3.88
CA GLU B 266 -1.64 -15.36 -4.91
C GLU B 266 -2.23 -15.91 -6.21
N GLU B 267 -3.13 -16.89 -6.12
CA GLU B 267 -3.74 -17.41 -7.34
C GLU B 267 -4.47 -16.32 -8.10
N ILE B 268 -5.22 -15.46 -7.38
CA ILE B 268 -6.03 -14.44 -8.02
C ILE B 268 -5.15 -13.35 -8.65
N HIS B 269 -4.09 -12.93 -7.94
CA HIS B 269 -3.20 -11.93 -8.52
C HIS B 269 -2.45 -12.48 -9.74
N ALA B 270 -1.94 -13.71 -9.65
CA ALA B 270 -1.26 -14.29 -10.80
C ALA B 270 -2.16 -14.31 -12.03
N LEU B 271 -3.45 -14.62 -11.83
CA LEU B 271 -4.39 -14.64 -12.95
C LEU B 271 -4.61 -13.23 -13.51
N VAL B 272 -4.79 -12.24 -12.64
CA VAL B 272 -4.96 -10.88 -13.13
C VAL B 272 -3.76 -10.47 -13.97
N ASP B 273 -2.56 -10.59 -13.41
CA ASP B 273 -1.37 -10.15 -14.12
C ASP B 273 -1.20 -10.95 -15.42
N GLU B 274 -1.44 -12.25 -15.37
CA GLU B 274 -1.44 -13.04 -16.60
C GLU B 274 -2.44 -12.48 -17.61
N MET B 275 -3.68 -12.27 -17.18
CA MET B 275 -4.68 -11.72 -18.10
C MET B 275 -4.20 -10.40 -18.69
N ASN B 276 -3.59 -9.56 -17.86
CA ASN B 276 -3.18 -8.24 -18.32
C ASN B 276 -1.96 -8.28 -19.24
N ARG B 277 -1.19 -9.35 -19.25
CA ARG B 277 -0.07 -9.44 -20.17
C ARG B 277 -0.47 -9.99 -21.56
N VAL B 278 -1.71 -10.44 -21.74
CA VAL B 278 -2.14 -11.03 -23.00
C VAL B 278 -2.10 -9.99 -24.12
N GLY B 279 -1.60 -10.41 -25.29
CA GLY B 279 -1.60 -9.55 -26.47
C GLY B 279 -0.82 -8.27 -26.24
N ASP B 280 -1.44 -7.13 -26.55
CA ASP B 280 -0.82 -5.82 -26.35
C ASP B 280 -1.16 -5.22 -24.99
N GLY B 281 -1.62 -6.03 -24.06
CA GLY B 281 -1.86 -5.55 -22.71
C GLY B 281 -3.32 -5.25 -22.45
N PHE B 282 -3.83 -5.67 -21.29
CA PHE B 282 -5.16 -5.30 -20.81
C PHE B 282 -5.02 -4.71 -19.43
N ASN B 283 -6.13 -4.25 -18.87
CA ASN B 283 -6.14 -3.69 -17.54
C ASN B 283 -7.42 -4.14 -16.81
N VAL B 284 -7.48 -5.43 -16.46
CA VAL B 284 -8.62 -5.96 -15.72
C VAL B 284 -8.25 -5.95 -14.24
N SER B 285 -9.27 -5.86 -13.40
CA SER B 285 -9.09 -5.84 -11.95
C SER B 285 -9.47 -7.18 -11.32
N LYS B 286 -9.01 -7.38 -10.07
CA LYS B 286 -9.43 -8.53 -9.29
C LYS B 286 -10.93 -8.53 -9.02
N ASP B 287 -11.58 -7.36 -8.98
CA ASP B 287 -13.04 -7.35 -8.84
C ASP B 287 -13.67 -8.18 -9.95
N LEU B 288 -13.24 -7.93 -11.19
CA LEU B 288 -13.75 -8.66 -12.34
C LEU B 288 -13.57 -10.15 -12.15
N VAL B 289 -12.38 -10.57 -11.69
CA VAL B 289 -12.11 -11.99 -11.52
C VAL B 289 -13.04 -12.60 -10.48
N LEU B 290 -13.29 -11.89 -9.36
CA LEU B 290 -14.16 -12.46 -8.32
C LEU B 290 -15.61 -12.55 -8.79
N LYS B 291 -16.10 -11.53 -9.49
CA LYS B 291 -17.44 -11.59 -10.07
C LYS B 291 -17.55 -12.71 -11.10
N ALA B 292 -16.52 -12.88 -11.94
CA ALA B 292 -16.50 -13.99 -12.89
C ALA B 292 -16.48 -15.32 -12.16
N GLY B 293 -15.74 -15.39 -11.05
CA GLY B 293 -15.85 -16.56 -10.18
C GLY B 293 -17.28 -16.88 -9.86
N LEU B 294 -18.04 -15.89 -9.38
CA LEU B 294 -19.44 -16.13 -9.06
C LEU B 294 -20.22 -16.56 -10.29
N MET B 295 -19.97 -15.90 -11.43
CA MET B 295 -20.76 -16.19 -12.61
C MET B 295 -20.43 -17.57 -13.19
N LEU B 296 -19.15 -17.92 -13.29
CA LEU B 296 -18.82 -19.17 -13.98
C LEU B 296 -19.11 -20.41 -13.15
N SER B 297 -19.23 -20.26 -11.83
CA SER B 297 -19.61 -21.36 -10.96
C SER B 297 -21.12 -21.51 -10.81
N ASP B 298 -21.91 -20.80 -11.62
CA ASP B 298 -23.37 -20.90 -11.59
C ASP B 298 -23.97 -20.49 -10.24
N ILE B 299 -23.23 -19.71 -9.44
CA ILE B 299 -23.82 -19.12 -8.25
C ILE B 299 -25.04 -18.29 -8.63
N GLY B 300 -26.11 -18.39 -7.83
CA GLY B 300 -27.36 -17.75 -8.18
C GLY B 300 -27.24 -16.24 -8.33
N SER B 301 -26.49 -15.60 -7.45
CA SER B 301 -26.26 -14.16 -7.50
C SER B 301 -24.84 -13.89 -7.94
N VAL B 302 -24.67 -13.00 -8.92
CA VAL B 302 -23.37 -12.50 -9.31
C VAL B 302 -23.09 -11.11 -8.73
N GLY B 303 -23.88 -10.67 -7.77
CA GLY B 303 -23.67 -9.37 -7.14
C GLY B 303 -22.34 -9.33 -6.44
N PHE B 304 -21.57 -8.26 -6.65
CA PHE B 304 -20.29 -8.09 -5.95
C PHE B 304 -20.57 -7.63 -4.52
N LYS B 305 -21.02 -8.58 -3.70
CA LYS B 305 -21.51 -8.32 -2.35
C LYS B 305 -20.91 -9.33 -1.39
N VAL B 306 -20.63 -8.89 -0.16
CA VAL B 306 -19.89 -9.74 0.76
C VAL B 306 -20.65 -11.04 1.03
N GLU B 307 -21.99 -10.96 1.10
CA GLU B 307 -22.80 -12.14 1.39
C GLU B 307 -22.61 -13.25 0.36
N ASN B 308 -22.20 -12.93 -0.86
CA ASN B 308 -22.02 -13.92 -1.90
C ASN B 308 -20.70 -14.68 -1.78
N PHE B 309 -19.78 -14.16 -0.97
CA PHE B 309 -18.48 -14.77 -0.80
C PHE B 309 -18.39 -15.50 0.54
N ASN B 310 -19.48 -16.20 0.87
CA ASN B 310 -19.54 -17.04 2.04
C ASN B 310 -18.78 -18.33 1.77
N LYS B 311 -18.71 -19.21 2.76
CA LYS B 311 -17.77 -20.31 2.63
C LYS B 311 -18.30 -21.40 1.70
N GLU B 312 -19.61 -21.56 1.58
CA GLU B 312 -20.11 -22.57 0.65
C GLU B 312 -19.84 -22.16 -0.80
N ASN B 313 -20.06 -20.87 -1.13
CA ASN B 313 -19.82 -20.40 -2.49
C ASN B 313 -18.33 -20.40 -2.82
N MET B 314 -17.49 -20.04 -1.86
CA MET B 314 -16.07 -20.09 -2.11
C MET B 314 -15.56 -21.53 -2.23
N ALA B 315 -16.30 -22.50 -1.69
CA ALA B 315 -15.95 -23.90 -1.87
C ALA B 315 -16.23 -24.34 -3.30
N ILE B 316 -17.37 -23.94 -3.85
CA ILE B 316 -17.64 -24.20 -5.27
C ILE B 316 -16.58 -23.53 -6.13
N LEU B 317 -16.30 -22.26 -5.86
CA LEU B 317 -15.34 -21.54 -6.69
C LEU B 317 -13.99 -22.22 -6.67
N GLU B 318 -13.53 -22.64 -5.48
CA GLU B 318 -12.22 -23.29 -5.40
C GLU B 318 -12.22 -24.61 -6.18
N LYS B 319 -13.29 -25.38 -6.08
CA LYS B 319 -13.36 -26.63 -6.83
C LYS B 319 -13.16 -26.41 -8.32
N ASN B 320 -13.78 -25.36 -8.88
CA ASN B 320 -13.77 -25.09 -10.31
C ASN B 320 -12.71 -24.09 -10.71
N TRP B 321 -11.75 -23.79 -9.84
CA TRP B 321 -10.85 -22.68 -10.13
C TRP B 321 -10.05 -22.89 -11.41
N THR B 322 -9.70 -24.14 -11.76
CA THR B 322 -8.90 -24.34 -12.94
C THR B 322 -9.69 -24.09 -14.22
N PRO B 323 -10.82 -24.77 -14.49
CA PRO B 323 -11.68 -24.36 -15.60
C PRO B 323 -11.90 -22.85 -15.67
N ILE B 324 -12.05 -22.20 -14.51
CA ILE B 324 -12.46 -20.80 -14.50
C ILE B 324 -11.31 -19.89 -14.91
N ARG B 325 -10.11 -20.12 -14.36
CA ARG B 325 -8.99 -19.32 -14.80
C ARG B 325 -8.62 -19.64 -16.25
N ASP B 326 -8.94 -20.84 -16.72
CA ASP B 326 -8.68 -21.19 -18.13
C ASP B 326 -9.61 -20.41 -19.05
N ALA B 327 -10.91 -20.40 -18.76
CA ALA B 327 -11.83 -19.61 -19.56
C ALA B 327 -11.51 -18.12 -19.50
N LEU B 328 -11.23 -17.60 -18.31
CA LEU B 328 -10.90 -16.19 -18.21
C LEU B 328 -9.72 -15.85 -19.11
N LEU B 329 -8.65 -16.65 -19.02
CA LEU B 329 -7.46 -16.37 -19.83
C LEU B 329 -7.75 -16.51 -21.32
N LEU B 330 -8.58 -17.49 -21.70
CA LEU B 330 -8.94 -17.65 -23.11
C LEU B 330 -9.85 -16.52 -23.58
N SER B 331 -10.60 -15.89 -22.67
CA SER B 331 -11.41 -14.73 -23.03
C SER B 331 -10.53 -13.57 -23.47
N MET B 332 -9.43 -13.32 -22.75
CA MET B 332 -8.54 -12.24 -23.14
C MET B 332 -7.86 -12.55 -24.47
N GLN B 333 -7.46 -13.80 -24.69
CA GLN B 333 -6.83 -14.14 -25.96
C GLN B 333 -7.79 -13.96 -27.12
N LEU B 334 -9.07 -14.30 -26.92
CA LEU B 334 -10.05 -14.00 -27.94
C LEU B 334 -10.10 -12.50 -28.22
N LEU B 335 -10.13 -11.69 -27.15
CA LEU B 335 -10.25 -10.25 -27.34
C LEU B 335 -9.03 -9.69 -28.06
N ALA B 336 -7.83 -10.15 -27.68
CA ALA B 336 -6.64 -9.70 -28.37
C ALA B 336 -6.69 -10.12 -29.84
N SER B 337 -7.25 -11.30 -30.10
CA SER B 337 -7.36 -11.78 -31.47
C SER B 337 -8.29 -10.90 -32.30
N PHE B 338 -9.20 -10.13 -31.67
CA PHE B 338 -10.01 -9.13 -32.35
C PHE B 338 -9.33 -7.78 -32.45
N GLY B 339 -8.14 -7.62 -31.85
CA GLY B 339 -7.49 -6.32 -31.80
C GLY B 339 -7.72 -5.47 -30.55
N PHE B 340 -8.46 -5.95 -29.55
CA PHE B 340 -8.69 -5.17 -28.35
C PHE B 340 -7.47 -5.18 -27.44
N ASN B 341 -7.21 -4.04 -26.79
CA ASN B 341 -6.18 -3.94 -25.77
C ASN B 341 -6.73 -3.06 -24.66
N ALA B 342 -5.86 -2.70 -23.70
CA ALA B 342 -6.34 -1.91 -22.57
C ALA B 342 -6.86 -0.55 -22.99
N GLN B 343 -6.29 0.03 -24.06
CA GLN B 343 -6.68 1.38 -24.49
C GLN B 343 -8.03 1.42 -25.17
N ASN B 344 -8.46 0.36 -25.86
CA ASN B 344 -9.66 0.45 -26.69
C ASN B 344 -10.81 -0.42 -26.21
N LEU B 345 -10.71 -1.06 -25.05
CA LEU B 345 -11.81 -1.83 -24.49
C LEU B 345 -12.46 -0.98 -23.39
N ARG B 346 -13.63 -0.43 -23.68
CA ARG B 346 -14.25 0.50 -22.74
C ARG B 346 -14.97 -0.21 -21.60
N ALA B 347 -15.46 -1.43 -21.82
CA ALA B 347 -16.30 -2.13 -20.87
C ALA B 347 -15.71 -3.49 -20.56
N THR B 348 -15.04 -3.61 -19.42
CA THR B 348 -14.49 -4.91 -19.09
C THR B 348 -15.58 -5.91 -18.74
N SER B 349 -16.76 -5.44 -18.34
CA SER B 349 -17.79 -6.39 -17.93
C SER B 349 -18.24 -7.28 -19.08
N ALA B 350 -18.00 -6.86 -20.33
CA ALA B 350 -18.37 -7.69 -21.46
C ALA B 350 -17.59 -9.01 -21.48
N ILE B 351 -16.49 -9.08 -20.75
CA ILE B 351 -15.70 -10.30 -20.68
C ILE B 351 -16.49 -11.41 -20.00
N LEU B 352 -17.40 -11.06 -19.09
CA LEU B 352 -18.07 -12.09 -18.29
C LEU B 352 -18.89 -13.05 -19.13
N PRO B 353 -19.79 -12.60 -20.01
CA PRO B 353 -20.53 -13.57 -20.85
C PRO B 353 -19.62 -14.31 -21.82
N LEU B 354 -18.59 -13.67 -22.34
CA LEU B 354 -17.64 -14.37 -23.21
C LEU B 354 -16.98 -15.51 -22.46
N ALA B 355 -16.44 -15.21 -21.29
CA ALA B 355 -15.81 -16.23 -20.46
C ALA B 355 -16.80 -17.32 -20.05
N TYR B 356 -18.05 -16.94 -19.76
CA TYR B 356 -19.03 -17.99 -19.47
C TYR B 356 -19.17 -18.95 -20.65
N TYR B 357 -19.25 -18.40 -21.86
CA TYR B 357 -19.40 -19.22 -23.05
C TYR B 357 -18.20 -20.16 -23.21
N LEU B 358 -16.99 -19.60 -23.21
CA LEU B 358 -15.80 -20.43 -23.39
C LEU B 358 -15.72 -21.48 -22.30
N HIS B 359 -16.05 -21.10 -21.07
CA HIS B 359 -16.06 -22.06 -19.98
C HIS B 359 -17.16 -23.08 -20.17
N HIS B 360 -18.35 -22.64 -20.57
CA HIS B 360 -19.42 -23.56 -20.87
C HIS B 360 -19.00 -24.67 -21.85
N ARG B 361 -18.67 -24.29 -23.08
CA ARG B 361 -18.33 -25.25 -24.12
C ARG B 361 -16.97 -25.90 -23.86
N LYS B 362 -16.35 -25.61 -22.72
CA LYS B 362 -15.07 -26.20 -22.36
C LYS B 362 -14.04 -26.00 -23.48
N LEU B 363 -13.99 -24.80 -24.02
CA LEU B 363 -13.10 -24.56 -25.14
C LEU B 363 -11.68 -24.32 -24.65
N THR B 364 -10.75 -24.50 -25.59
CA THR B 364 -9.33 -24.40 -25.35
C THR B 364 -8.74 -23.46 -26.41
N ALA B 365 -7.43 -23.18 -26.32
CA ALA B 365 -6.84 -22.21 -27.25
C ALA B 365 -6.94 -22.64 -28.71
N SER B 366 -7.30 -23.89 -29.00
CA SER B 366 -7.53 -24.28 -30.39
C SER B 366 -8.76 -23.61 -30.97
N TYR B 367 -9.69 -23.16 -30.11
CA TYR B 367 -10.86 -22.41 -30.53
C TYR B 367 -10.49 -21.20 -31.37
N LEU B 368 -9.29 -20.67 -31.19
CA LEU B 368 -8.87 -19.50 -31.95
C LEU B 368 -8.38 -19.82 -33.37
N SER B 369 -8.01 -21.08 -33.66
CA SER B 369 -7.45 -21.44 -34.97
C SER B 369 -8.37 -22.31 -35.82
N ARG B 370 -8.92 -23.39 -35.27
CA ARG B 370 -9.59 -24.36 -36.12
C ARG B 370 -10.70 -23.69 -36.94
N VAL B 371 -10.79 -24.09 -38.21
CA VAL B 371 -11.74 -23.44 -39.10
C VAL B 371 -13.17 -23.77 -38.72
N GLU B 372 -13.41 -24.90 -38.06
CA GLU B 372 -14.78 -25.22 -37.67
C GLU B 372 -15.36 -24.16 -36.72
N TYR B 373 -14.52 -23.34 -36.13
CA TYR B 373 -14.95 -22.34 -35.17
C TYR B 373 -15.00 -20.93 -35.76
N ALA B 374 -14.42 -20.73 -36.95
CA ALA B 374 -14.24 -19.39 -37.49
C ALA B 374 -15.57 -18.64 -37.64
N VAL B 375 -16.63 -19.34 -38.03
CA VAL B 375 -17.91 -18.67 -38.15
C VAL B 375 -18.42 -18.26 -36.77
N ASP B 376 -18.21 -19.13 -35.77
CA ASP B 376 -18.64 -18.85 -34.40
C ASP B 376 -17.84 -17.70 -33.79
N ARG B 377 -16.52 -17.69 -34.02
CA ARG B 377 -15.67 -16.59 -33.59
C ARG B 377 -16.09 -15.27 -34.20
N GLU B 378 -16.55 -15.30 -35.45
CA GLU B 378 -16.90 -14.06 -36.12
C GLU B 378 -18.24 -13.54 -35.61
N CYS B 379 -19.13 -14.47 -35.25
CA CYS B 379 -20.43 -14.10 -34.71
C CYS B 379 -20.28 -13.43 -33.34
N ILE B 380 -19.36 -13.93 -32.51
CA ILE B 380 -19.05 -13.30 -31.22
C ILE B 380 -18.43 -11.92 -31.42
N ARG B 381 -17.48 -11.81 -32.35
CA ARG B 381 -16.83 -10.52 -32.61
C ARG B 381 -17.87 -9.47 -32.98
N ASN B 382 -18.75 -9.80 -33.92
CA ASN B 382 -19.76 -8.84 -34.34
C ASN B 382 -20.64 -8.42 -33.17
N TRP B 383 -21.11 -9.39 -32.37
CA TRP B 383 -21.97 -9.09 -31.22
C TRP B 383 -21.25 -8.19 -30.22
N LEU B 384 -20.01 -8.54 -29.87
CA LEU B 384 -19.25 -7.76 -28.90
C LEU B 384 -19.06 -6.33 -29.39
N ILE B 385 -18.67 -6.16 -30.65
CA ILE B 385 -18.40 -4.82 -31.16
C ILE B 385 -19.66 -3.97 -31.11
N ARG B 386 -20.77 -4.51 -31.59
CA ARG B 386 -22.03 -3.77 -31.55
C ARG B 386 -22.38 -3.36 -30.12
N SER B 387 -22.21 -4.28 -29.16
CA SER B 387 -22.47 -3.94 -27.77
C SER B 387 -21.57 -2.81 -27.30
N LEU B 388 -20.32 -2.77 -27.79
CA LEU B 388 -19.36 -1.74 -27.40
C LEU B 388 -19.53 -0.44 -28.18
N LEU B 389 -20.23 -0.47 -29.31
CA LEU B 389 -20.45 0.75 -30.09
C LEU B 389 -21.48 1.65 -29.44
N LYS B 390 -22.33 1.12 -28.55
CA LYS B 390 -23.26 1.98 -27.82
C LYS B 390 -22.50 2.90 -26.89
N ALA B 391 -22.78 4.21 -26.99
CA ALA B 391 -22.10 5.18 -26.13
C ALA B 391 -22.21 4.79 -24.66
N SER B 392 -23.36 4.27 -24.25
CA SER B 392 -23.67 3.95 -22.87
C SER B 392 -24.94 3.13 -22.89
N GLY B 393 -25.28 2.57 -21.73
CA GLY B 393 -26.57 1.93 -21.54
C GLY B 393 -26.60 0.43 -21.72
N ILE B 394 -25.47 -0.22 -21.98
CA ILE B 394 -25.41 -1.67 -22.19
C ILE B 394 -24.75 -2.36 -21.00
N TRP B 395 -23.53 -1.95 -20.65
CA TRP B 395 -22.70 -2.60 -19.63
C TRP B 395 -22.60 -1.76 -18.36
N GLY B 396 -23.52 -0.80 -18.17
CA GLY B 396 -23.55 -0.01 -16.94
C GLY B 396 -24.62 -0.52 -15.99
N SER B 397 -25.51 0.38 -15.55
CA SER B 397 -26.56 0.01 -14.62
C SER B 397 -27.40 -1.14 -15.20
N GLY B 398 -27.83 -2.03 -14.31
CA GLY B 398 -28.64 -3.17 -14.71
C GLY B 398 -27.82 -4.38 -15.12
N LEU B 399 -26.51 -4.33 -14.91
CA LEU B 399 -25.61 -5.41 -15.32
C LEU B 399 -26.02 -6.75 -14.73
N ASP B 400 -26.20 -6.81 -13.41
CA ASP B 400 -26.30 -8.11 -12.74
C ASP B 400 -27.46 -8.93 -13.28
N THR B 401 -28.62 -8.30 -13.50
CA THR B 401 -29.71 -9.06 -14.06
C THR B 401 -29.45 -9.40 -15.53
N LEU B 402 -28.75 -8.51 -16.26
CA LEU B 402 -28.40 -8.85 -17.63
C LEU B 402 -27.48 -10.07 -17.68
N LEU B 403 -26.55 -10.16 -16.73
CA LEU B 403 -25.55 -11.23 -16.77
C LEU B 403 -26.19 -12.58 -16.48
N THR B 404 -27.08 -12.64 -15.48
CA THR B 404 -27.70 -13.92 -15.16
C THR B 404 -28.68 -14.34 -16.24
N MET B 405 -29.32 -13.41 -16.93
CA MET B 405 -30.13 -13.82 -18.08
C MET B 405 -29.25 -14.28 -19.25
N LEU B 406 -28.18 -13.56 -19.57
CA LEU B 406 -27.28 -14.05 -20.63
C LEU B 406 -26.73 -15.41 -20.27
N ARG B 407 -26.49 -15.65 -18.97
CA ARG B 407 -25.96 -16.94 -18.55
C ARG B 407 -26.93 -18.07 -18.87
N SER B 408 -28.23 -17.87 -18.61
CA SER B 408 -29.21 -18.92 -18.94
C SER B 408 -29.27 -19.20 -20.44
N ASP B 409 -29.23 -18.15 -21.27
CA ASP B 409 -29.16 -18.31 -22.73
C ASP B 409 -27.98 -19.17 -23.14
N ILE B 410 -26.77 -18.86 -22.63
CA ILE B 410 -25.60 -19.66 -22.98
C ILE B 410 -25.76 -21.10 -22.48
N LYS B 411 -26.35 -21.27 -21.29
CA LYS B 411 -26.54 -22.63 -20.75
C LYS B 411 -27.44 -23.47 -21.65
N GLN B 412 -28.56 -22.89 -22.08
CA GLN B 412 -29.54 -23.49 -22.96
C GLN B 412 -29.00 -23.83 -24.36
N SER B 413 -27.85 -23.29 -24.77
CA SER B 413 -27.35 -23.48 -26.13
C SER B 413 -26.54 -24.76 -26.31
N GLY B 414 -26.34 -25.54 -25.26
CA GLY B 414 -25.55 -26.76 -25.43
C GLY B 414 -24.22 -26.43 -26.09
N ASP B 415 -23.91 -27.12 -27.19
CA ASP B 415 -22.71 -26.87 -27.97
C ASP B 415 -23.02 -26.49 -29.40
N THR B 416 -24.20 -25.94 -29.63
CA THR B 416 -24.55 -25.50 -30.98
C THR B 416 -23.78 -24.25 -31.40
N GLY B 417 -23.19 -23.54 -30.47
CA GLY B 417 -22.50 -22.29 -30.75
C GLY B 417 -23.15 -21.10 -30.05
N PHE B 418 -22.49 -19.95 -30.19
CA PHE B 418 -22.90 -18.73 -29.49
C PHE B 418 -24.34 -18.35 -29.82
N PRO B 419 -25.24 -18.32 -28.84
CA PRO B 419 -26.68 -18.18 -29.16
C PRO B 419 -27.05 -16.72 -29.43
N LEU B 420 -26.74 -16.27 -30.63
CA LEU B 420 -26.78 -14.84 -30.93
C LEU B 420 -28.21 -14.31 -30.90
N ALA B 421 -29.12 -14.97 -31.61
CA ALA B 421 -30.51 -14.51 -31.67
C ALA B 421 -31.12 -14.45 -30.28
N LYS B 422 -30.93 -15.50 -29.50
CA LYS B 422 -31.45 -15.54 -28.14
C LYS B 422 -30.87 -14.39 -27.32
N ILE B 423 -29.55 -14.24 -27.36
CA ILE B 423 -28.91 -13.15 -26.62
C ILE B 423 -29.50 -11.80 -27.03
N GLU B 424 -29.66 -11.58 -28.32
CA GLU B 424 -30.12 -10.27 -28.77
C GLU B 424 -31.52 -9.99 -28.27
N ALA B 425 -32.35 -11.03 -28.17
CA ALA B 425 -33.71 -10.85 -27.66
C ALA B 425 -33.70 -10.59 -26.15
N THR B 426 -32.81 -11.25 -25.41
CA THR B 426 -32.70 -10.97 -23.98
C THR B 426 -32.32 -9.51 -23.74
N MET B 427 -31.40 -8.99 -24.56
CA MET B 427 -30.97 -7.60 -24.41
C MET B 427 -32.09 -6.64 -24.77
N GLN B 428 -32.82 -6.89 -25.85
CA GLN B 428 -34.00 -6.07 -26.14
C GLN B 428 -34.97 -6.07 -24.96
N GLN B 429 -35.29 -7.26 -24.44
CA GLN B 429 -36.23 -7.40 -23.33
C GLN B 429 -35.81 -6.57 -22.13
N ARG B 430 -34.52 -6.30 -21.96
CA ARG B 430 -33.97 -5.56 -20.84
C ARG B 430 -33.79 -4.07 -21.10
N GLY B 431 -34.21 -3.56 -22.24
CA GLY B 431 -33.95 -2.16 -22.52
C GLY B 431 -32.53 -1.87 -22.97
N LYS B 432 -31.83 -2.88 -23.47
CA LYS B 432 -30.44 -2.81 -23.91
C LYS B 432 -30.32 -3.31 -25.34
N SER B 433 -31.22 -2.86 -26.20
CA SER B 433 -31.26 -3.31 -27.58
C SER B 433 -29.98 -2.90 -28.31
N LEU B 434 -29.46 -3.83 -29.12
CA LEU B 434 -28.38 -3.53 -30.04
C LEU B 434 -28.88 -2.95 -31.36
N ARG B 435 -30.11 -2.44 -31.40
CA ARG B 435 -30.57 -1.68 -32.54
C ARG B 435 -30.12 -0.24 -32.37
N PHE B 436 -29.66 0.35 -33.47
CA PHE B 436 -29.20 1.74 -33.45
C PHE B 436 -30.21 2.58 -34.20
N ASP B 437 -30.51 3.74 -33.65
CA ASP B 437 -31.42 4.69 -34.26
C ASP B 437 -30.64 5.73 -35.04
N PRO B 438 -31.30 6.50 -35.91
CA PRO B 438 -30.55 7.39 -36.82
C PRO B 438 -29.61 8.35 -36.14
N GLU B 439 -29.93 8.91 -34.97
CA GLU B 439 -28.94 9.83 -34.42
C GLU B 439 -27.75 9.09 -33.82
N GLU B 440 -27.93 7.87 -33.31
CA GLU B 440 -26.77 7.06 -32.96
C GLU B 440 -25.89 6.80 -34.19
N ILE B 441 -26.52 6.49 -35.33
CA ILE B 441 -25.74 6.25 -36.56
C ILE B 441 -24.93 7.49 -36.92
N SER B 442 -25.57 8.67 -36.97
CA SER B 442 -24.84 9.91 -37.22
C SER B 442 -23.70 10.11 -36.24
N GLU B 443 -23.91 9.80 -34.96
CA GLU B 443 -22.78 9.95 -34.03
C GLU B 443 -21.64 9.02 -34.39
N LEU B 444 -21.93 7.77 -34.79
CA LEU B 444 -20.85 6.83 -35.11
C LEU B 444 -20.08 7.32 -36.33
N ALA B 445 -20.78 7.92 -37.31
CA ALA B 445 -20.13 8.38 -38.53
C ALA B 445 -19.24 9.60 -38.32
N GLN B 446 -19.26 10.21 -37.13
CA GLN B 446 -18.37 11.34 -36.92
C GLN B 446 -17.37 11.08 -35.80
N LEU B 447 -17.19 9.80 -35.43
CA LEU B 447 -16.22 9.41 -34.42
C LEU B 447 -14.82 9.96 -34.76
N ASP B 448 -14.05 10.29 -33.73
CA ASP B 448 -12.71 10.85 -33.90
C ASP B 448 -11.61 9.79 -33.90
N TYR B 449 -10.54 10.08 -34.61
CA TYR B 449 -9.31 9.30 -34.49
C TYR B 449 -8.91 9.21 -33.03
N GLY B 450 -8.70 7.98 -32.56
CA GLY B 450 -8.28 7.72 -31.20
C GLY B 450 -9.41 7.39 -30.22
N ASN B 451 -10.63 7.73 -30.56
CA ASN B 451 -11.76 7.28 -29.77
C ASN B 451 -11.80 5.76 -29.79
N PRO B 452 -11.99 5.09 -28.64
CA PRO B 452 -11.90 3.62 -28.62
C PRO B 452 -12.95 2.93 -29.48
N ARG B 453 -14.10 3.56 -29.70
CA ARG B 453 -15.12 2.97 -30.57
C ARG B 453 -14.78 3.09 -32.04
N THR B 454 -13.76 3.87 -32.40
CA THR B 454 -13.46 4.13 -33.81
C THR B 454 -12.84 2.91 -34.49
N PHE B 455 -11.76 2.36 -33.95
CA PHE B 455 -11.21 1.15 -34.55
C PHE B 455 -12.23 0.01 -34.50
N ALA B 456 -12.99 -0.09 -33.41
CA ALA B 456 -14.01 -1.12 -33.32
C ALA B 456 -14.99 -1.00 -34.48
N LEU B 457 -15.49 0.21 -34.73
CA LEU B 457 -16.40 0.43 -35.87
C LEU B 457 -15.72 0.09 -37.20
N LEU B 458 -14.49 0.55 -37.40
CA LEU B 458 -13.82 0.28 -38.67
C LEU B 458 -13.64 -1.22 -38.90
N THR B 459 -13.24 -1.97 -37.88
CA THR B 459 -13.10 -3.42 -38.04
C THR B 459 -14.43 -4.10 -38.25
N LEU B 460 -15.54 -3.44 -37.91
CA LEU B 460 -16.84 -3.96 -38.29
C LEU B 460 -17.21 -3.57 -39.72
N LEU B 461 -16.79 -2.39 -40.18
CA LEU B 461 -17.20 -1.96 -41.50
C LEU B 461 -16.36 -2.61 -42.60
N PHE B 462 -15.06 -2.79 -42.35
CA PHE B 462 -14.11 -3.33 -43.30
C PHE B 462 -13.42 -4.54 -42.67
N PRO B 463 -14.10 -5.68 -42.58
CA PRO B 463 -13.44 -6.91 -42.13
C PRO B 463 -12.54 -7.43 -43.23
N GLY B 464 -11.70 -8.39 -42.89
CA GLY B 464 -10.85 -8.95 -43.92
C GLY B 464 -9.43 -9.08 -43.45
N PHE B 465 -8.97 -8.09 -42.70
CA PHE B 465 -7.65 -8.21 -42.13
C PHE B 465 -7.63 -9.33 -41.10
N ASP B 466 -6.43 -9.82 -40.82
CA ASP B 466 -6.13 -10.69 -39.69
C ASP B 466 -5.95 -9.79 -38.48
N PHE B 467 -7.04 -9.56 -37.74
CA PHE B 467 -6.96 -8.60 -36.65
C PHE B 467 -6.10 -9.09 -35.49
N SER B 468 -5.67 -10.36 -35.49
CA SER B 468 -4.66 -10.77 -34.52
C SER B 468 -3.28 -10.27 -34.88
N ARG B 469 -3.03 -9.99 -36.17
CA ARG B 469 -1.75 -9.44 -36.61
C ARG B 469 -1.77 -7.91 -36.48
N HIS B 470 -0.66 -7.26 -36.83
CA HIS B 470 -0.58 -5.81 -36.70
C HIS B 470 -1.51 -5.11 -37.69
N PHE B 471 -2.14 -4.02 -37.21
CA PHE B 471 -2.91 -3.12 -38.06
C PHE B 471 -3.08 -1.79 -37.33
N HIS B 472 -3.43 -0.75 -38.09
CA HIS B 472 -3.66 0.54 -37.45
C HIS B 472 -4.74 1.29 -38.22
N VAL B 473 -5.25 2.32 -37.56
CA VAL B 473 -6.16 3.31 -38.16
C VAL B 473 -5.30 4.41 -38.75
N ASP B 474 -5.55 4.77 -40.00
CA ASP B 474 -4.79 5.82 -40.64
C ASP B 474 -5.72 6.87 -41.24
N HIS B 475 -5.16 8.06 -41.48
CA HIS B 475 -5.89 9.12 -42.15
C HIS B 475 -5.74 8.97 -43.67
N ILE B 476 -6.84 9.12 -44.39
CA ILE B 476 -6.75 9.05 -45.83
C ILE B 476 -6.01 10.27 -46.36
N TYR B 477 -6.48 11.46 -45.99
CA TYR B 477 -5.70 12.67 -46.20
C TYR B 477 -4.86 12.88 -44.95
N PRO B 478 -3.55 12.74 -45.01
CA PRO B 478 -2.75 12.70 -43.78
C PRO B 478 -3.04 13.87 -42.87
N LYS B 479 -3.14 13.58 -41.57
CA LYS B 479 -3.46 14.59 -40.57
C LYS B 479 -2.46 15.73 -40.60
N GLY B 480 -1.23 15.46 -41.06
CA GLY B 480 -0.20 16.48 -41.04
C GLY B 480 -0.45 17.63 -41.99
N LEU B 481 -1.13 17.38 -43.12
CA LEU B 481 -1.46 18.47 -44.04
C LEU B 481 -2.40 19.49 -43.44
N PHE B 482 -3.02 19.24 -42.29
CA PHE B 482 -4.15 20.05 -41.82
C PHE B 482 -3.72 20.91 -40.64
N THR B 483 -3.00 21.98 -40.91
CA THR B 483 -2.75 23.02 -39.93
C THR B 483 -3.29 24.34 -40.45
N ARG B 484 -3.48 25.31 -39.55
CA ARG B 484 -4.07 26.58 -39.97
C ARG B 484 -3.17 27.29 -40.98
N ASN B 485 -1.87 27.28 -40.75
CA ASN B 485 -0.94 27.86 -41.72
C ASN B 485 -1.09 27.19 -43.08
N LYS B 486 -0.84 25.87 -43.13
CA LYS B 486 -0.80 25.17 -44.41
C LYS B 486 -2.09 25.34 -45.19
N LEU B 487 -3.23 25.38 -44.51
CA LEU B 487 -4.51 25.40 -45.21
C LEU B 487 -4.81 26.77 -45.80
N ALA B 488 -4.48 27.85 -45.08
CA ALA B 488 -4.81 29.19 -45.56
C ALA B 488 -4.08 29.53 -46.86
N LYS B 489 -2.97 28.85 -47.14
CA LYS B 489 -2.22 29.11 -48.36
C LYS B 489 -2.74 28.32 -49.58
N VAL B 490 -3.35 27.15 -49.37
CA VAL B 490 -4.06 26.51 -50.48
C VAL B 490 -5.34 27.23 -50.82
N GLY B 491 -5.78 28.16 -49.98
CA GLY B 491 -6.88 29.04 -50.30
C GLY B 491 -8.11 28.85 -49.44
N VAL B 492 -8.16 27.79 -48.65
CA VAL B 492 -9.32 27.56 -47.78
C VAL B 492 -9.60 28.84 -47.00
N PRO B 493 -10.81 29.39 -47.10
CA PRO B 493 -11.15 30.60 -46.35
C PRO B 493 -10.80 30.48 -44.87
N ALA B 494 -10.52 31.64 -44.26
CA ALA B 494 -10.12 31.67 -42.86
C ALA B 494 -11.21 31.14 -41.94
N GLU B 495 -12.47 31.21 -42.36
CA GLU B 495 -13.56 30.76 -41.51
C GLU B 495 -13.84 29.27 -41.64
N GLN B 496 -13.45 28.65 -42.75
CA GLN B 496 -13.57 27.21 -42.92
C GLN B 496 -12.38 26.44 -42.36
N LEU B 497 -11.40 27.14 -41.78
CA LEU B 497 -10.16 26.47 -41.40
C LEU B 497 -10.35 25.51 -40.24
N ASP B 498 -11.08 25.93 -39.21
CA ASP B 498 -11.29 25.03 -38.08
C ASP B 498 -12.28 23.93 -38.40
N GLU B 499 -13.16 24.15 -39.38
CA GLU B 499 -14.02 23.08 -39.86
C GLU B 499 -13.21 21.95 -40.48
N LEU B 500 -12.34 22.28 -41.44
CA LEU B 500 -11.53 21.26 -42.09
C LEU B 500 -10.67 20.52 -41.09
N ILE B 501 -10.08 21.22 -40.13
CA ILE B 501 -9.16 20.58 -39.20
C ILE B 501 -9.91 19.56 -38.32
N GLU B 502 -11.06 19.96 -37.79
CA GLU B 502 -11.86 19.04 -37.00
C GLU B 502 -12.31 17.84 -37.83
N ALA B 503 -12.66 18.07 -39.09
CA ALA B 503 -13.18 17.00 -39.95
C ALA B 503 -12.09 16.03 -40.39
N SER B 504 -10.87 16.51 -40.55
CA SER B 504 -9.78 15.65 -40.98
C SER B 504 -9.50 14.55 -39.98
N ASN B 505 -9.92 14.73 -38.73
CA ASN B 505 -9.65 13.76 -37.70
C ASN B 505 -10.80 12.78 -37.45
N LYS B 506 -11.81 12.75 -38.33
CA LYS B 506 -13.02 11.98 -38.07
C LYS B 506 -13.24 10.86 -39.09
N LEU B 507 -14.22 10.01 -38.78
CA LEU B 507 -14.38 8.74 -39.50
C LEU B 507 -14.35 8.86 -41.02
N PRO B 508 -14.99 9.84 -41.66
CA PRO B 508 -14.94 9.89 -43.14
C PRO B 508 -13.54 10.03 -43.72
N ASN B 509 -12.56 10.45 -42.92
CA ASN B 509 -11.18 10.53 -43.37
C ASN B 509 -10.32 9.40 -42.78
N LEU B 510 -10.95 8.34 -42.29
CA LEU B 510 -10.24 7.27 -41.60
C LEU B 510 -10.37 5.95 -42.33
N GLN B 511 -9.34 5.11 -42.18
CA GLN B 511 -9.29 3.81 -42.82
C GLN B 511 -8.46 2.85 -41.95
N LEU B 512 -8.68 1.55 -42.17
CA LEU B 512 -7.84 0.52 -41.57
C LEU B 512 -6.74 0.10 -42.53
N LEU B 513 -5.52 -0.01 -42.01
CA LEU B 513 -4.35 -0.41 -42.77
C LEU B 513 -3.66 -1.56 -42.05
N GLU B 514 -3.23 -2.57 -42.82
CA GLU B 514 -2.41 -3.63 -42.26
C GLU B 514 -1.02 -3.10 -41.91
N GLY B 515 -0.44 -3.70 -40.89
CA GLY B 515 0.90 -3.31 -40.48
C GLY B 515 0.93 -2.08 -39.59
N THR B 516 2.14 -1.59 -39.45
CA THR B 516 2.43 -0.43 -38.61
C THR B 516 2.45 0.84 -39.47
N ILE B 517 2.68 1.98 -38.81
CA ILE B 517 2.52 3.27 -39.47
C ILE B 517 3.50 3.42 -40.62
N ASN B 518 2.98 3.64 -41.82
CA ASN B 518 3.80 3.90 -42.99
C ASN B 518 4.10 5.40 -43.06
N ASN B 519 5.39 5.76 -42.94
CA ASN B 519 5.77 7.18 -42.90
C ASN B 519 5.81 7.82 -44.29
N GLN B 520 6.03 7.04 -45.34
CA GLN B 520 5.96 7.61 -46.68
C GLN B 520 4.52 7.79 -47.17
N LYS B 521 3.56 7.03 -46.64
CA LYS B 521 2.15 7.32 -46.94
C LYS B 521 1.74 8.67 -46.36
N ARG B 522 2.20 9.00 -45.15
CA ARG B 522 1.78 10.18 -44.42
C ARG B 522 2.37 11.48 -44.95
N GLN B 523 3.25 11.45 -45.95
CA GLN B 523 3.85 12.67 -46.51
C GLN B 523 3.31 13.02 -47.88
N LYS B 524 2.39 12.22 -48.43
CA LYS B 524 1.83 12.42 -49.75
C LYS B 524 0.32 12.72 -49.68
N MET B 525 -0.18 13.33 -50.74
CA MET B 525 -1.62 13.35 -50.95
C MET B 525 -2.11 11.94 -51.29
N PRO B 526 -3.29 11.54 -50.81
CA PRO B 526 -3.76 10.16 -51.06
C PRO B 526 -3.81 9.76 -52.52
N HIS B 527 -4.18 10.68 -53.44
CA HIS B 527 -4.23 10.29 -54.85
C HIS B 527 -2.83 10.02 -55.39
N GLU B 528 -1.85 10.79 -54.90
CA GLU B 528 -0.45 10.52 -55.22
C GLU B 528 -0.04 9.14 -54.72
N TRP B 529 -0.30 8.86 -53.44
CA TRP B 529 0.14 7.59 -52.85
C TRP B 529 -0.52 6.40 -53.53
N TYR B 530 -1.81 6.52 -53.87
CA TYR B 530 -2.51 5.37 -54.43
C TYR B 530 -2.23 5.23 -55.93
N ALA B 531 -1.88 6.31 -56.62
CA ALA B 531 -1.53 6.19 -58.03
C ALA B 531 -0.21 5.46 -58.22
N GLN B 532 0.74 5.60 -57.29
CA GLN B 532 2.00 4.89 -57.40
C GLN B 532 1.97 3.49 -56.78
N GLN B 533 1.07 3.22 -55.83
CA GLN B 533 0.97 1.86 -55.31
C GLN B 533 0.10 0.95 -56.19
N TRP B 534 -0.78 1.52 -57.00
CA TRP B 534 -1.74 0.75 -57.79
C TRP B 534 -1.74 1.26 -59.23
N PRO B 535 -0.66 1.01 -59.98
CA PRO B 535 -0.56 1.56 -61.34
C PRO B 535 -1.74 1.21 -62.23
N ASP B 536 -2.22 -0.03 -62.18
CA ASP B 536 -3.42 -0.36 -62.94
C ASP B 536 -4.60 0.44 -62.42
N VAL B 537 -5.21 1.25 -63.29
CA VAL B 537 -6.29 2.14 -62.87
C VAL B 537 -7.52 1.36 -62.43
N ASN B 538 -7.65 0.10 -62.85
CA ASN B 538 -8.82 -0.71 -62.53
C ASN B 538 -8.69 -1.37 -61.16
N ALA B 539 -7.55 -2.01 -60.91
CA ALA B 539 -7.24 -2.44 -59.55
C ALA B 539 -7.49 -1.29 -58.58
N ARG B 540 -6.86 -0.15 -58.85
CA ARG B 540 -6.98 1.01 -57.97
C ARG B 540 -8.42 1.30 -57.59
N GLN B 541 -9.31 1.44 -58.57
CA GLN B 541 -10.68 1.80 -58.24
C GLN B 541 -11.46 0.66 -57.57
N ALA B 542 -10.97 -0.58 -57.64
CA ALA B 542 -11.63 -1.62 -56.86
C ALA B 542 -11.16 -1.61 -55.41
N HIS B 543 -9.85 -1.54 -55.19
CA HIS B 543 -9.31 -1.36 -53.85
C HIS B 543 -9.96 -0.18 -53.14
N LEU B 544 -9.83 1.02 -53.73
CA LEU B 544 -10.44 2.20 -53.12
C LEU B 544 -11.93 2.00 -52.87
N GLN B 545 -12.63 1.33 -53.76
CA GLN B 545 -14.06 1.13 -53.57
C GLN B 545 -14.34 0.18 -52.41
N SER B 546 -13.48 -0.83 -52.22
CA SER B 546 -13.58 -1.68 -51.05
C SER B 546 -13.48 -0.89 -49.75
N GLN B 547 -12.91 0.33 -49.79
CA GLN B 547 -12.75 1.16 -48.61
C GLN B 547 -13.73 2.31 -48.59
N ALA B 548 -14.77 2.27 -49.41
CA ALA B 548 -15.76 3.32 -49.47
C ALA B 548 -15.15 4.67 -49.89
N ILE B 549 -14.07 4.60 -50.68
CA ILE B 549 -13.46 5.74 -51.34
C ILE B 549 -13.87 5.70 -52.82
N THR B 550 -14.70 6.66 -53.24
CA THR B 550 -15.06 6.85 -54.64
C THR B 550 -13.98 7.63 -55.41
N SER B 551 -13.70 8.85 -54.95
CA SER B 551 -12.73 9.71 -55.62
C SER B 551 -11.75 10.25 -54.59
N LEU B 552 -10.64 10.78 -55.08
CA LEU B 552 -9.60 11.38 -54.24
C LEU B 552 -9.25 12.74 -54.83
N PRO B 553 -10.06 13.75 -54.55
CA PRO B 553 -9.72 15.12 -54.95
C PRO B 553 -8.25 15.43 -54.75
N GLU B 554 -7.66 16.18 -55.67
CA GLU B 554 -6.22 16.40 -55.70
C GLU B 554 -5.77 17.61 -54.92
N GLN B 555 -6.69 18.43 -54.42
CA GLN B 555 -6.35 19.61 -53.65
C GLN B 555 -7.20 19.69 -52.40
N LEU B 556 -6.57 20.12 -51.30
CA LEU B 556 -7.26 20.23 -50.03
C LEU B 556 -8.52 21.07 -50.15
N ASN B 557 -8.52 22.08 -51.02
CA ASN B 557 -9.68 22.94 -51.20
C ASN B 557 -10.95 22.15 -51.41
N GLN B 558 -10.84 20.92 -51.94
CA GLN B 558 -12.02 20.10 -52.19
C GLN B 558 -12.16 18.96 -51.19
N PHE B 559 -11.48 19.06 -50.04
CA PHE B 559 -11.53 17.99 -49.06
C PHE B 559 -12.94 17.80 -48.53
N MET B 560 -13.66 18.89 -48.23
CA MET B 560 -14.99 18.71 -47.67
C MET B 560 -15.97 18.08 -48.67
N ASP B 561 -15.71 18.21 -49.97
CA ASP B 561 -16.47 17.46 -50.95
C ASP B 561 -16.22 15.97 -50.79
N PHE B 562 -14.95 15.58 -50.64
CA PHE B 562 -14.60 14.19 -50.38
C PHE B 562 -15.22 13.72 -49.08
N TYR B 563 -15.11 14.54 -48.03
CA TYR B 563 -15.60 14.16 -46.71
C TYR B 563 -17.10 13.90 -46.74
N ARG B 564 -17.87 14.80 -47.35
CA ARG B 564 -19.32 14.63 -47.41
C ARG B 564 -19.69 13.40 -48.21
N GLU B 565 -18.93 13.12 -49.26
CA GLU B 565 -19.23 11.98 -50.12
C GLU B 565 -18.97 10.66 -49.41
N ARG B 566 -17.81 10.54 -48.76
CA ARG B 566 -17.52 9.33 -48.02
C ARG B 566 -18.35 9.25 -46.74
N GLN B 567 -18.65 10.40 -46.12
CA GLN B 567 -19.56 10.36 -44.99
C GLN B 567 -20.88 9.74 -45.40
N GLU B 568 -21.34 10.06 -46.62
CA GLU B 568 -22.60 9.52 -47.10
C GLU B 568 -22.51 8.01 -47.28
N THR B 569 -21.40 7.53 -47.85
CA THR B 569 -21.24 6.10 -48.06
C THR B 569 -21.13 5.37 -46.72
N LEU B 570 -20.44 5.98 -45.75
CA LEU B 570 -20.27 5.31 -44.46
C LEU B 570 -21.59 5.25 -43.71
N LEU B 571 -22.39 6.32 -43.76
CA LEU B 571 -23.69 6.26 -43.11
C LEU B 571 -24.48 5.05 -43.63
N ALA B 572 -24.52 4.88 -44.95
CA ALA B 572 -25.21 3.72 -45.51
C ALA B 572 -24.60 2.42 -44.99
N ARG B 573 -23.27 2.28 -45.11
CA ARG B 573 -22.62 1.03 -44.68
C ARG B 573 -22.84 0.77 -43.19
N ILE B 574 -22.82 1.81 -42.36
CA ILE B 574 -23.08 1.64 -40.94
C ILE B 574 -24.50 1.14 -40.74
N ARG B 575 -25.46 1.72 -41.45
CA ARG B 575 -26.87 1.30 -41.31
C ARG B 575 -26.99 -0.19 -41.54
N THR B 576 -26.50 -0.68 -42.68
CA THR B 576 -26.64 -2.10 -42.99
C THR B 576 -25.86 -2.96 -41.99
N ALA B 577 -24.70 -2.49 -41.55
CA ALA B 577 -23.88 -3.31 -40.67
C ALA B 577 -24.51 -3.46 -39.29
N LEU B 578 -25.25 -2.47 -38.84
CA LEU B 578 -25.89 -2.47 -37.53
C LEU B 578 -27.34 -2.93 -37.59
N GLN B 579 -27.79 -3.43 -38.73
CA GLN B 579 -29.15 -3.93 -38.86
C GLN B 579 -29.27 -5.34 -38.30
N PRO B 580 -30.30 -5.64 -37.51
CA PRO B 580 -30.39 -6.95 -36.87
C PRO B 580 -31.00 -8.00 -37.80
N ALA B 581 -30.44 -9.21 -37.73
CA ALA B 581 -30.97 -10.31 -38.52
C ALA B 581 -32.43 -10.58 -38.16
N SER B 582 -33.04 -11.51 -38.90
CA SER B 582 -34.38 -11.98 -38.58
C SER B 582 -34.59 -13.35 -39.21
N SER B 583 -35.66 -14.01 -38.78
CA SER B 583 -36.02 -15.34 -39.30
C SER B 583 -37.49 -15.44 -39.68
CL CL C . 20.10 8.79 18.62
S SO4 D . 20.26 -0.16 22.79
O1 SO4 D . 19.24 0.30 21.84
O2 SO4 D . 21.34 -0.86 22.07
O3 SO4 D . 20.77 1.02 23.49
O4 SO4 D . 19.66 -1.08 23.76
S SO4 E . -6.53 0.24 13.37
O1 SO4 E . -7.61 0.89 12.65
O2 SO4 E . -6.53 -1.16 12.99
O3 SO4 E . -5.26 0.89 13.11
O4 SO4 E . -6.78 0.37 14.81
C1 GOL F . 19.64 -10.89 19.64
O1 GOL F . 20.24 -11.86 18.86
C2 GOL F . 19.22 -9.81 18.66
O2 GOL F . 18.83 -10.37 17.46
C3 GOL F . 18.10 -9.08 19.37
O3 GOL F . 18.37 -7.74 19.16
H11 GOL F . 18.87 -11.21 20.12
H12 GOL F . 20.24 -10.51 20.30
HO1 GOL F . 20.89 -11.48 18.46
H2 GOL F . 19.94 -9.19 18.46
HO2 GOL F . 18.79 -11.21 17.57
H31 GOL F . 17.25 -9.36 19.01
H32 GOL F . 18.10 -9.33 20.30
HO3 GOL F . 17.63 -7.34 19.13
CL CL G . -26.29 -3.80 -11.39
S SO4 H . -24.83 3.55 -17.73
O1 SO4 H . -26.24 3.19 -17.53
O2 SO4 H . -24.23 2.76 -18.81
O3 SO4 H . -24.79 4.96 -18.13
O4 SO4 H . -24.14 3.33 -16.46
S SO4 I . -7.59 12.49 3.03
O1 SO4 I . -8.22 11.28 2.52
O2 SO4 I . -6.55 12.93 2.14
O3 SO4 I . -8.62 13.54 3.09
O4 SO4 I . -7.06 12.29 4.36
C1 GOL J . -14.74 6.31 -21.94
O1 GOL J . -14.31 5.83 -23.21
C2 GOL J . -16.22 6.58 -22.11
O2 GOL J . -16.81 7.24 -21.04
C3 GOL J . -16.29 7.43 -23.36
O3 GOL J . -15.06 7.39 -23.99
H11 GOL J . -14.59 5.68 -21.21
H12 GOL J . -14.28 7.13 -21.67
HO1 GOL J . -14.69 5.08 -23.32
H2 GOL J . -16.69 5.73 -22.19
HO2 GOL J . -16.21 7.32 -20.43
H31 GOL J . -17.02 7.10 -23.93
H32 GOL J . -16.56 8.34 -23.11
HO3 GOL J . -15.21 7.23 -24.80
#